data_1RBY
#
_entry.id   1RBY
#
_cell.length_a   126.171
_cell.length_b   126.171
_cell.length_c   95.389
_cell.angle_alpha   90.00
_cell.angle_beta   90.00
_cell.angle_gamma   120.00
#
_symmetry.space_group_name_H-M   'P 31'
#
loop_
_entity.id
_entity.type
_entity.pdbx_description
1 polymer 'PHOSPHORIBOSYLGLYCINAMIDE FORMYLTRANSFERASE'
2 non-polymer 'N-{4-[(1R)-4-[(2R,4R,5S)-2,4-DIAMINO-6-OXOHEXAHYDROPYRIMIDIN-5-YL]-1-(2,2,2-TRIFLUORO-1,1-DIHYDROXYETHYL)BUTYL]BENZOYL}-D-GLUTAMIC ACID'
3 non-polymer 'GLYCINAMIDE RIBONUCLEOTIDE'
4 water water
#
_entity_poly.entity_id   1
_entity_poly.type   'polypeptide(L)'
_entity_poly.pdbx_seq_one_letter_code
;ARVAVLISGTGSNLQALIDSTREPNSSAQIDIVISNKAAVAGLDKAERAGIPTRVINHKLYKNRVEFDSAIDLVLEEFSI
DIVCLAGFMRILSGPFVQKWNGKMLNIHPSLLPSFKGSNAHEQALETGVTVTGCTVHFVAEDVDAGQIILQEAVPVKRGD
TVATLSERVKLAEHKIFPAALQLVASGTVQLGENGKICWVKEEHHHHHH
;
_entity_poly.pdbx_strand_id   A,B,C,D
#
loop_
_chem_comp.id
_chem_comp.type
_chem_comp.name
_chem_comp.formula
GAR non-polymer 'GLYCINAMIDE RIBONUCLEOTIDE' 'C7 H13 N2 O8 P -2'
KEU non-polymer 'N-{4-[(1R)-4-[(2R,4R,5S)-2,4-DIAMINO-6-OXOHEXAHYDROPYRIMIDIN-5-YL]-1-(2,2,2-TRIFLUORO-1,1-DIHYDROXYETHYL)BUTYL]BENZOYL}-D-GLUTAMIC ACID' 'C22 H30 F3 N5 O8'
#
# COMPACT_ATOMS: atom_id res chain seq x y z
N ALA A 1 -13.25 16.89 -10.97
CA ALA A 1 -11.98 17.00 -11.74
C ALA A 1 -11.51 15.63 -12.26
N ARG A 2 -10.99 15.63 -13.49
CA ARG A 2 -10.44 14.43 -14.10
C ARG A 2 -8.94 14.39 -13.81
N VAL A 3 -8.47 13.28 -13.24
CA VAL A 3 -7.11 13.18 -12.72
C VAL A 3 -6.25 12.13 -13.43
N ALA A 4 -5.01 12.54 -13.75
CA ALA A 4 -3.95 11.62 -14.13
C ALA A 4 -3.00 11.40 -12.96
N VAL A 5 -2.50 10.18 -12.86
CA VAL A 5 -1.47 9.87 -11.89
C VAL A 5 -0.28 9.34 -12.67
N LEU A 6 0.87 9.97 -12.50
CA LEU A 6 2.13 9.51 -13.07
C LEU A 6 2.93 8.78 -11.98
N ILE A 7 3.54 7.66 -12.35
CA ILE A 7 4.23 6.78 -11.41
C ILE A 7 5.48 6.26 -12.09
N SER A 8 6.36 5.64 -11.31
CA SER A 8 7.54 4.98 -11.84
C SER A 8 7.75 3.63 -11.17
N GLY A 9 6.88 3.26 -10.22
CA GLY A 9 7.15 2.09 -9.41
C GLY A 9 5.96 1.37 -8.81
N THR A 10 6.10 1.04 -7.53
CA THR A 10 5.14 0.28 -6.72
C THR A 10 3.70 0.78 -6.78
N GLY A 11 3.50 2.07 -6.60
CA GLY A 11 2.19 2.69 -6.69
C GLY A 11 1.28 2.61 -5.47
N SER A 12 1.87 2.50 -4.27
CA SER A 12 1.10 2.52 -3.03
C SER A 12 0.31 3.81 -2.83
N ASN A 13 0.89 4.94 -3.25
CA ASN A 13 0.13 6.20 -3.26
C ASN A 13 -1.01 6.21 -4.26
N LEU A 14 -0.74 5.74 -5.48
CA LEU A 14 -1.77 5.54 -6.48
C LEU A 14 -2.97 4.82 -5.86
N GLN A 15 -2.71 3.76 -5.09
CA GLN A 15 -3.79 2.96 -4.51
C GLN A 15 -4.66 3.74 -3.54
N ALA A 16 -4.02 4.53 -2.67
CA ALA A 16 -4.73 5.34 -1.71
C ALA A 16 -5.58 6.40 -2.43
N LEU A 17 -5.02 6.96 -3.51
CA LEU A 17 -5.76 7.92 -4.35
C LEU A 17 -6.98 7.27 -4.99
N ILE A 18 -6.80 6.07 -5.54
CA ILE A 18 -7.93 5.35 -6.15
C ILE A 18 -9.06 5.18 -5.16
N ASP A 19 -8.74 4.60 -4.01
CA ASP A 19 -9.73 4.31 -2.98
C ASP A 19 -10.46 5.58 -2.51
N SER A 20 -9.69 6.65 -2.28
CA SER A 20 -10.24 7.93 -1.86
C SER A 20 -11.17 8.61 -2.89
N THR A 21 -10.82 8.54 -4.17
CA THR A 21 -11.67 9.17 -5.20
C THR A 21 -12.98 8.42 -5.43
N ARG A 22 -13.08 7.21 -4.88
CA ARG A 22 -14.31 6.43 -4.99
C ARG A 22 -15.18 6.43 -3.72
N GLU A 23 -14.76 7.21 -2.73
CA GLU A 23 -15.61 7.51 -1.58
C GLU A 23 -16.68 8.50 -2.04
N PRO A 24 -17.85 8.51 -1.41
CA PRO A 24 -18.91 9.44 -1.83
C PRO A 24 -18.48 10.89 -1.61
N ASN A 25 -19.00 11.79 -2.45
CA ASN A 25 -18.70 13.23 -2.39
C ASN A 25 -17.27 13.58 -2.77
N SER A 26 -16.59 12.66 -3.46
CA SER A 26 -15.28 12.94 -4.04
C SER A 26 -15.41 13.94 -5.19
N SER A 27 -14.46 14.88 -5.26
CA SER A 27 -14.44 15.88 -6.33
C SER A 27 -13.51 15.44 -7.48
N ALA A 28 -12.98 14.22 -7.38
CA ALA A 28 -12.01 13.74 -8.36
C ALA A 28 -12.28 12.31 -8.80
N GLN A 29 -11.90 12.01 -10.04
CA GLN A 29 -11.86 10.66 -10.56
C GLN A 29 -10.51 10.46 -11.26
N ILE A 30 -9.90 9.30 -11.04
CA ILE A 30 -8.67 8.96 -11.77
C ILE A 30 -9.04 8.34 -13.12
N ASP A 31 -8.62 9.02 -14.19
CA ASP A 31 -8.96 8.61 -15.55
C ASP A 31 -7.84 7.97 -16.34
N ILE A 32 -6.59 8.21 -15.94
CA ILE A 32 -5.43 7.60 -16.59
C ILE A 32 -4.28 7.48 -15.60
N VAL A 33 -3.48 6.42 -15.74
CA VAL A 33 -2.25 6.24 -14.99
C VAL A 33 -1.13 6.08 -16.01
N ILE A 34 -0.11 6.93 -15.93
CA ILE A 34 1.02 6.87 -16.86
C ILE A 34 2.29 6.44 -16.11
N SER A 35 3.00 5.46 -16.64
CA SER A 35 4.31 5.13 -16.08
C SER A 35 5.39 5.39 -17.13
N ASN A 36 6.55 5.84 -16.67
CA ASN A 36 7.72 5.98 -17.54
C ASN A 36 8.51 4.68 -17.62
N LYS A 37 8.05 3.67 -16.88
CA LYS A 37 8.73 2.37 -16.82
C LYS A 37 7.74 1.22 -16.94
N ALA A 38 8.11 0.23 -17.76
CA ALA A 38 7.32 -0.99 -17.93
C ALA A 38 7.43 -1.90 -16.71
N ALA A 39 6.40 -2.74 -16.55
CA ALA A 39 6.43 -3.85 -15.59
C ALA A 39 6.62 -3.38 -14.15
N VAL A 40 6.06 -2.22 -13.82
CA VAL A 40 6.04 -1.77 -12.45
C VAL A 40 4.67 -2.12 -11.83
N ALA A 41 4.65 -2.37 -10.53
CA ALA A 41 3.44 -2.84 -9.86
C ALA A 41 2.28 -1.84 -9.92
N GLY A 42 2.60 -0.55 -10.02
CA GLY A 42 1.59 0.49 -10.11
C GLY A 42 0.63 0.31 -11.29
N LEU A 43 1.17 -0.20 -12.39
CA LEU A 43 0.38 -0.44 -13.61
C LEU A 43 -0.69 -1.52 -13.40
N ASP A 44 -0.31 -2.59 -12.73
CA ASP A 44 -1.25 -3.67 -12.39
C ASP A 44 -2.35 -3.18 -11.46
N LYS A 45 -1.97 -2.39 -10.47
CA LYS A 45 -2.91 -1.77 -9.54
C LYS A 45 -3.94 -0.91 -10.29
N ALA A 46 -3.47 -0.10 -11.24
CA ALA A 46 -4.35 0.72 -12.04
C ALA A 46 -5.32 -0.15 -12.85
N GLU A 47 -4.80 -1.20 -13.47
CA GLU A 47 -5.63 -2.07 -14.32
C GLU A 47 -6.64 -2.87 -13.51
N ARG A 48 -6.25 -3.28 -12.32
CA ARG A 48 -7.13 -4.04 -11.43
C ARG A 48 -8.29 -3.16 -10.93
N ALA A 49 -8.06 -1.84 -10.97
CA ALA A 49 -9.08 -0.86 -10.56
C ALA A 49 -9.99 -0.44 -11.72
N GLY A 50 -9.69 -0.93 -12.93
CA GLY A 50 -10.45 -0.60 -14.12
C GLY A 50 -10.06 0.74 -14.76
N ILE A 51 -8.83 1.19 -14.48
CA ILE A 51 -8.33 2.48 -14.97
C ILE A 51 -7.34 2.24 -16.10
N PRO A 52 -7.49 2.93 -17.23
CA PRO A 52 -6.58 2.74 -18.37
C PRO A 52 -5.15 3.18 -18.01
N THR A 53 -4.16 2.56 -18.67
CA THR A 53 -2.76 2.85 -18.39
C THR A 53 -2.00 3.10 -19.67
N ARG A 54 -0.94 3.89 -19.57
CA ARG A 54 0.07 3.96 -20.61
C ARG A 54 1.46 3.86 -20.01
N VAL A 55 2.37 3.30 -20.80
CA VAL A 55 3.78 3.30 -20.50
C VAL A 55 4.44 4.18 -21.54
N ILE A 56 5.03 5.28 -21.08
CA ILE A 56 5.79 6.18 -21.95
C ILE A 56 7.24 6.12 -21.48
N ASN A 57 8.03 5.31 -22.18
CA ASN A 57 9.42 5.08 -21.81
C ASN A 57 10.27 6.31 -22.11
N HIS A 58 10.72 6.95 -21.04
CA HIS A 58 11.52 8.18 -21.16
C HIS A 58 12.82 8.01 -21.93
N LYS A 59 13.38 6.79 -21.93
CA LYS A 59 14.65 6.52 -22.61
C LYS A 59 14.54 6.56 -24.14
N LEU A 60 13.31 6.59 -24.66
CA LEU A 60 13.09 6.57 -26.10
C LEU A 60 12.94 7.97 -26.69
N TYR A 61 13.26 8.97 -25.88
CA TYR A 61 13.16 10.37 -26.31
C TYR A 61 14.54 11.03 -26.22
N LYS A 62 14.82 11.96 -27.14
CA LYS A 62 16.12 12.61 -27.22
C LYS A 62 16.36 13.56 -26.05
N ASN A 63 15.29 14.18 -25.58
CA ASN A 63 15.39 15.14 -24.48
C ASN A 63 14.11 15.15 -23.65
N ARG A 64 14.11 15.95 -22.59
CA ARG A 64 12.99 16.00 -21.65
C ARG A 64 11.72 16.60 -22.24
N VAL A 65 11.87 17.64 -23.06
CA VAL A 65 10.72 18.34 -23.63
C VAL A 65 9.87 17.41 -24.52
N GLU A 66 10.54 16.60 -25.33
CA GLU A 66 9.89 15.60 -26.17
C GLU A 66 9.19 14.49 -25.37
N PHE A 67 9.87 13.95 -24.35
CA PHE A 67 9.23 13.00 -23.44
C PHE A 67 7.99 13.65 -22.80
N ASP A 68 8.16 14.87 -22.26
CA ASP A 68 7.05 15.61 -21.63
C ASP A 68 5.87 15.90 -22.56
N SER A 69 6.17 16.18 -23.83
CA SER A 69 5.12 16.42 -24.82
C SER A 69 4.31 15.14 -25.09
N ALA A 70 4.99 13.99 -25.15
CA ALA A 70 4.30 12.70 -25.25
C ALA A 70 3.35 12.47 -24.08
N ILE A 71 3.79 12.78 -22.86
CA ILE A 71 2.88 12.75 -21.70
C ILE A 71 1.71 13.70 -21.93
N ASP A 72 2.02 14.94 -22.29
CA ASP A 72 0.99 15.97 -22.44
C ASP A 72 -0.10 15.56 -23.45
N LEU A 73 0.33 14.93 -24.55
CA LEU A 73 -0.59 14.43 -25.58
C LEU A 73 -1.59 13.46 -24.97
N VAL A 74 -1.12 12.54 -24.15
CA VAL A 74 -1.99 11.60 -23.45
C VAL A 74 -2.93 12.34 -22.49
N LEU A 75 -2.41 13.35 -21.78
CA LEU A 75 -3.22 14.15 -20.85
C LEU A 75 -4.39 14.84 -21.55
N GLU A 76 -4.14 15.41 -22.72
CA GLU A 76 -5.19 16.02 -23.54
C GLU A 76 -6.20 14.98 -24.04
N GLU A 77 -5.71 13.82 -24.48
CA GLU A 77 -6.55 12.74 -24.97
C GLU A 77 -7.65 12.44 -23.96
N PHE A 78 -7.27 12.40 -22.69
CA PHE A 78 -8.17 12.08 -21.59
C PHE A 78 -8.72 13.33 -20.89
N SER A 79 -8.63 14.49 -21.54
CA SER A 79 -8.94 15.82 -20.97
C SER A 79 -8.80 15.91 -19.44
N ILE A 80 -7.55 15.85 -19.00
CA ILE A 80 -7.19 15.85 -17.59
C ILE A 80 -7.15 17.25 -17.03
N ASP A 81 -7.67 17.41 -15.81
CA ASP A 81 -7.67 18.69 -15.10
C ASP A 81 -6.51 18.81 -14.12
N ILE A 82 -6.20 17.70 -13.46
CA ILE A 82 -5.17 17.67 -12.42
C ILE A 82 -4.25 16.46 -12.61
N VAL A 83 -2.97 16.69 -12.39
CA VAL A 83 -1.94 15.65 -12.44
C VAL A 83 -1.35 15.45 -11.04
N CYS A 84 -1.30 14.20 -10.58
CA CYS A 84 -0.64 13.84 -9.34
C CYS A 84 0.61 13.03 -9.69
N LEU A 85 1.74 13.41 -9.10
CA LEU A 85 2.99 12.67 -9.22
C LEU A 85 3.14 11.75 -8.02
N ALA A 86 3.01 10.45 -8.25
CA ALA A 86 2.95 9.47 -7.18
C ALA A 86 4.08 8.46 -7.32
N GLY A 87 5.26 8.85 -6.86
CA GLY A 87 6.46 8.04 -7.06
C GLY A 87 7.04 8.22 -8.45
N PHE A 88 6.66 9.29 -9.14
CA PHE A 88 7.23 9.65 -10.44
C PHE A 88 8.66 10.20 -10.28
N MET A 89 9.60 9.58 -11.01
CA MET A 89 11.02 9.82 -10.80
C MET A 89 11.70 10.68 -11.88
N ARG A 90 10.90 11.26 -12.78
CA ARG A 90 11.48 12.09 -13.84
C ARG A 90 11.23 13.57 -13.55
N ILE A 91 12.30 14.37 -13.55
CA ILE A 91 12.14 15.82 -13.49
C ILE A 91 11.54 16.34 -14.81
N LEU A 92 10.48 17.13 -14.67
CA LEU A 92 9.74 17.65 -15.83
C LEU A 92 10.29 19.01 -16.25
N SER A 93 10.32 19.23 -17.57
CA SER A 93 10.81 20.48 -18.16
C SER A 93 9.95 21.69 -17.81
N GLY A 94 10.57 22.87 -17.94
CA GLY A 94 9.92 24.15 -17.72
C GLY A 94 8.55 24.32 -18.37
N PRO A 95 8.47 24.21 -19.68
CA PRO A 95 7.19 24.36 -20.39
C PRO A 95 6.07 23.44 -19.92
N PHE A 96 6.36 22.17 -19.60
CA PHE A 96 5.32 21.27 -19.08
C PHE A 96 4.80 21.74 -17.72
N VAL A 97 5.73 22.06 -16.82
CA VAL A 97 5.42 22.56 -15.48
C VAL A 97 4.63 23.87 -15.51
N GLN A 98 5.01 24.79 -16.39
CA GLN A 98 4.31 26.05 -16.59
C GLN A 98 2.88 25.80 -17.07
N LYS A 99 2.72 24.85 -17.99
CA LYS A 99 1.39 24.53 -18.53
C LYS A 99 0.45 23.98 -17.45
N TRP A 100 1.01 23.12 -16.58
CA TRP A 100 0.24 22.48 -15.52
C TRP A 100 0.31 23.20 -14.16
N ASN A 101 0.79 24.45 -14.17
CA ASN A 101 0.93 25.26 -12.95
C ASN A 101 -0.41 25.43 -12.23
N GLY A 102 -0.44 25.09 -10.93
CA GLY A 102 -1.66 25.17 -10.15
C GLY A 102 -2.54 23.94 -10.27
N LYS A 103 -2.09 22.98 -11.09
CA LYS A 103 -2.90 21.79 -11.42
C LYS A 103 -2.12 20.49 -11.28
N MET A 104 -0.87 20.57 -10.82
CA MET A 104 -0.02 19.39 -10.67
C MET A 104 0.54 19.28 -9.25
N LEU A 105 0.25 18.16 -8.59
CA LEU A 105 0.71 17.90 -7.22
C LEU A 105 1.75 16.79 -7.11
N ASN A 106 2.64 16.93 -6.14
CA ASN A 106 3.62 15.90 -5.84
C ASN A 106 3.61 15.47 -4.38
N ILE A 107 3.86 14.19 -4.15
CA ILE A 107 4.12 13.71 -2.80
C ILE A 107 5.62 13.55 -2.56
N HIS A 108 6.15 14.20 -1.52
CA HIS A 108 7.57 14.06 -1.20
C HIS A 108 7.75 13.53 0.24
N PRO A 109 8.57 12.50 0.43
CA PRO A 109 8.72 11.89 1.76
C PRO A 109 9.70 12.60 2.71
N SER A 110 9.53 13.91 2.87
CA SER A 110 10.17 14.62 3.98
C SER A 110 9.33 15.84 4.34
N LEU A 111 9.65 16.49 5.46
CA LEU A 111 9.06 17.78 5.77
C LEU A 111 9.85 18.87 5.05
N LEU A 112 9.44 19.19 3.83
CA LEU A 112 10.07 20.24 3.05
C LEU A 112 10.02 21.54 3.89
N PRO A 113 11.06 22.39 3.85
CA PRO A 113 12.17 22.33 2.89
C PRO A 113 13.40 21.46 3.27
N SER A 114 13.34 20.65 4.33
CA SER A 114 14.41 19.69 4.64
C SER A 114 14.41 18.53 3.64
N PHE A 115 15.60 18.07 3.25
CA PHE A 115 15.75 16.80 2.55
C PHE A 115 15.01 16.79 1.22
N LYS A 116 15.27 17.82 0.41
CA LYS A 116 14.81 17.81 -0.98
C LYS A 116 15.57 16.70 -1.69
N GLY A 117 15.01 16.19 -2.79
CA GLY A 117 15.65 15.13 -3.53
C GLY A 117 15.02 13.78 -3.29
N SER A 118 15.37 12.83 -4.16
CA SER A 118 14.77 11.50 -4.20
C SER A 118 15.20 10.56 -3.07
N ASN A 119 16.29 10.89 -2.39
CA ASN A 119 16.78 10.05 -1.31
C ASN A 119 16.59 10.72 0.06
N ALA A 120 15.40 11.29 0.28
CA ALA A 120 15.15 12.03 1.51
C ALA A 120 15.34 11.20 2.78
N HIS A 121 14.95 9.92 2.77
CA HIS A 121 15.08 9.06 3.95
C HIS A 121 16.54 8.82 4.30
N GLU A 122 17.35 8.48 3.28
CA GLU A 122 18.81 8.34 3.49
C GLU A 122 19.38 9.62 4.15
N GLN A 123 18.95 10.79 3.67
CA GLN A 123 19.39 12.06 4.26
C GLN A 123 18.91 12.24 5.70
N ALA A 124 17.64 11.92 5.97
CA ALA A 124 17.08 12.07 7.32
C ALA A 124 17.87 11.26 8.31
N LEU A 125 18.17 10.00 7.94
CA LEU A 125 18.94 9.10 8.82
C LEU A 125 20.38 9.58 9.03
N GLU A 126 21.02 10.02 7.95
CA GLU A 126 22.38 10.56 8.02
C GLU A 126 22.45 11.78 8.94
N THR A 127 21.45 12.67 8.83
CA THR A 127 21.37 13.87 9.64
C THR A 127 21.04 13.62 11.11
N GLY A 128 20.25 12.58 11.38
CA GLY A 128 19.94 12.21 12.74
C GLY A 128 18.74 12.91 13.34
N VAL A 129 17.79 13.30 12.49
CA VAL A 129 16.53 13.86 12.96
C VAL A 129 15.75 12.75 13.70
N THR A 130 14.97 13.15 14.68
CA THR A 130 14.03 12.24 15.35
C THR A 130 12.64 12.43 14.81
N VAL A 131 12.46 13.49 14.00
CA VAL A 131 11.17 13.78 13.37
C VAL A 131 11.39 14.10 11.89
N THR A 132 10.68 13.36 11.04
CA THR A 132 10.67 13.64 9.62
C THR A 132 9.19 13.70 9.23
N GLY A 133 8.87 13.36 7.99
CA GLY A 133 7.47 13.38 7.59
C GLY A 133 7.31 13.38 6.09
N CYS A 134 6.16 13.86 5.63
CA CYS A 134 5.91 13.94 4.19
C CYS A 134 5.20 15.24 3.86
N THR A 135 5.24 15.58 2.56
CA THR A 135 4.75 16.87 2.07
C THR A 135 4.01 16.71 0.75
N VAL A 136 2.81 17.27 0.64
CA VAL A 136 2.17 17.44 -0.66
C VAL A 136 2.38 18.87 -1.11
N HIS A 137 2.93 19.04 -2.31
CA HIS A 137 3.16 20.40 -2.81
C HIS A 137 2.77 20.54 -4.27
N PHE A 138 2.42 21.75 -4.68
CA PHE A 138 2.30 22.07 -6.09
C PHE A 138 3.69 21.92 -6.69
N VAL A 139 3.75 21.50 -7.96
CA VAL A 139 5.02 21.32 -8.64
C VAL A 139 5.44 22.64 -9.30
N ALA A 140 6.64 23.09 -8.95
CA ALA A 140 7.24 24.24 -9.62
C ALA A 140 8.45 23.72 -10.36
N GLU A 141 9.05 24.57 -11.18
CA GLU A 141 10.20 24.17 -11.95
C GLU A 141 11.32 23.69 -11.05
N ASP A 142 11.60 24.46 -10.00
CA ASP A 142 12.59 24.05 -9.02
C ASP A 142 12.11 22.83 -8.26
N VAL A 143 12.95 21.80 -8.26
CA VAL A 143 12.60 20.50 -7.74
C VAL A 143 12.30 20.60 -6.25
N ASP A 144 11.17 20.01 -5.86
CA ASP A 144 10.77 19.92 -4.45
C ASP A 144 10.72 21.28 -3.79
N ALA A 145 10.36 22.31 -4.56
CA ALA A 145 10.37 23.66 -4.07
C ALA A 145 9.06 24.40 -4.30
N GLY A 146 8.03 23.71 -4.79
CA GLY A 146 6.76 24.36 -5.04
C GLY A 146 5.96 24.58 -3.78
N GLN A 147 4.82 25.24 -3.89
CA GLN A 147 4.06 25.68 -2.71
C GLN A 147 3.45 24.50 -1.95
N ILE A 148 3.64 24.52 -0.64
CA ILE A 148 3.25 23.43 0.25
C ILE A 148 1.74 23.46 0.49
N ILE A 149 1.08 22.32 0.24
CA ILE A 149 -0.35 22.19 0.48
C ILE A 149 -0.62 21.59 1.87
N LEU A 150 -0.14 20.36 2.09
CA LEU A 150 -0.25 19.70 3.40
C LEU A 150 1.07 19.03 3.75
N GLN A 151 1.26 18.78 5.04
CA GLN A 151 2.42 18.04 5.55
C GLN A 151 1.96 17.22 6.77
N GLU A 152 2.65 16.10 7.02
CA GLU A 152 2.42 15.33 8.24
C GLU A 152 3.76 14.82 8.80
N ALA A 153 3.96 15.06 10.09
CA ALA A 153 5.15 14.66 10.82
C ALA A 153 5.07 13.19 11.17
N VAL A 154 6.22 12.52 11.10
CA VAL A 154 6.31 11.08 11.35
C VAL A 154 7.59 10.88 12.17
N PRO A 155 7.50 10.15 13.28
CA PRO A 155 8.67 9.90 14.11
C PRO A 155 9.69 9.01 13.40
N VAL A 156 10.97 9.28 13.67
CA VAL A 156 12.05 8.38 13.30
C VAL A 156 12.38 7.55 14.55
N LYS A 157 12.41 6.22 14.39
CA LYS A 157 12.79 5.32 15.49
C LYS A 157 14.29 5.03 15.45
N ARG A 158 14.93 5.09 16.62
CA ARG A 158 16.33 4.68 16.74
C ARG A 158 16.47 3.28 16.12
N GLY A 159 17.42 3.14 15.20
CA GLY A 159 17.66 1.87 14.51
C GLY A 159 16.86 1.63 13.24
N ASP A 160 16.07 2.64 12.84
CA ASP A 160 15.41 2.64 11.55
C ASP A 160 16.38 2.43 10.41
N THR A 161 15.98 1.66 9.41
CA THR A 161 16.67 1.63 8.13
C THR A 161 15.84 2.52 7.19
N VAL A 162 16.37 2.75 6.00
CA VAL A 162 15.61 3.43 4.94
C VAL A 162 14.28 2.71 4.72
N ALA A 163 14.34 1.37 4.65
CA ALA A 163 13.11 0.57 4.49
C ALA A 163 12.08 0.77 5.61
N THR A 164 12.51 0.75 6.88
CA THR A 164 11.52 0.87 7.95
C THR A 164 10.92 2.27 8.03
N LEU A 165 11.76 3.28 7.84
CA LEU A 165 11.31 4.66 7.92
C LEU A 165 10.39 4.98 6.74
N SER A 166 10.80 4.49 5.57
CA SER A 166 10.06 4.65 4.33
C SER A 166 8.63 4.13 4.46
N GLU A 167 8.48 2.95 5.04
CA GLU A 167 7.17 2.33 5.22
C GLU A 167 6.30 3.14 6.20
N ARG A 168 6.93 3.67 7.27
CA ARG A 168 6.19 4.46 8.26
C ARG A 168 5.69 5.77 7.65
N VAL A 169 6.53 6.39 6.84
CA VAL A 169 6.20 7.65 6.16
C VAL A 169 5.12 7.44 5.07
N LYS A 170 5.17 6.32 4.36
CA LYS A 170 4.16 6.03 3.34
C LYS A 170 2.77 5.94 3.95
N LEU A 171 2.66 5.47 5.19
CA LEU A 171 1.35 5.45 5.87
C LEU A 171 0.78 6.86 6.05
N ALA A 172 1.65 7.84 6.27
CA ALA A 172 1.23 9.25 6.36
C ALA A 172 0.92 9.82 4.97
N GLU A 173 1.75 9.48 3.99
CA GLU A 173 1.52 9.84 2.59
C GLU A 173 0.12 9.52 2.12
N HIS A 174 -0.34 8.33 2.50
CA HIS A 174 -1.62 7.78 2.06
C HIS A 174 -2.80 8.51 2.70
N LYS A 175 -2.53 9.35 3.69
CA LYS A 175 -3.54 10.20 4.31
C LYS A 175 -3.55 11.59 3.64
N ILE A 176 -2.39 12.25 3.61
CA ILE A 176 -2.35 13.64 3.12
C ILE A 176 -2.45 13.80 1.61
N PHE A 177 -2.03 12.80 0.83
CA PHE A 177 -2.08 12.94 -0.62
C PHE A 177 -3.53 12.93 -1.11
N PRO A 178 -4.35 11.94 -0.74
CA PRO A 178 -5.78 12.01 -1.09
C PRO A 178 -6.46 13.26 -0.53
N ALA A 179 -6.10 13.68 0.68
CA ALA A 179 -6.72 14.84 1.30
C ALA A 179 -6.41 16.08 0.47
N ALA A 180 -5.17 16.19 0.01
CA ALA A 180 -4.72 17.36 -0.74
C ALA A 180 -5.32 17.36 -2.13
N LEU A 181 -5.48 16.18 -2.75
CA LEU A 181 -6.16 16.08 -4.06
C LEU A 181 -7.61 16.56 -3.96
N GLN A 182 -8.33 16.11 -2.94
CA GLN A 182 -9.70 16.59 -2.70
C GLN A 182 -9.77 18.10 -2.52
N LEU A 183 -8.82 18.65 -1.77
CA LEU A 183 -8.75 20.08 -1.54
C LEU A 183 -8.55 20.87 -2.84
N VAL A 184 -7.64 20.41 -3.70
CA VAL A 184 -7.40 21.07 -4.98
C VAL A 184 -8.55 20.81 -5.99
N ALA A 185 -9.04 19.56 -6.03
CA ALA A 185 -10.13 19.20 -6.93
C ALA A 185 -11.43 19.93 -6.61
N SER A 186 -11.70 20.17 -5.34
CA SER A 186 -12.90 20.88 -4.92
C SER A 186 -12.81 22.41 -5.09
N GLY A 187 -11.62 22.90 -5.40
CA GLY A 187 -11.38 24.33 -5.45
C GLY A 187 -11.22 24.99 -4.08
N THR A 188 -11.13 24.18 -3.02
CA THR A 188 -10.91 24.69 -1.66
C THR A 188 -9.50 25.30 -1.55
N VAL A 189 -8.56 24.68 -2.25
CA VAL A 189 -7.16 25.12 -2.24
C VAL A 189 -6.72 25.40 -3.67
N GLN A 190 -6.16 26.58 -3.89
CA GLN A 190 -5.70 27.01 -5.20
C GLN A 190 -4.32 27.64 -5.12
N LEU A 191 -3.60 27.62 -6.24
CA LEU A 191 -2.38 28.40 -6.39
C LEU A 191 -2.81 29.79 -6.84
N GLY A 192 -2.75 30.75 -5.91
CA GLY A 192 -3.18 32.10 -6.20
C GLY A 192 -2.27 32.83 -7.17
N GLU A 193 -2.83 33.84 -7.84
CA GLU A 193 -2.10 34.63 -8.84
C GLU A 193 -0.72 35.12 -8.36
N ASN A 194 -0.65 35.57 -7.10
CA ASN A 194 0.60 36.00 -6.49
C ASN A 194 1.62 34.86 -6.27
N GLY A 195 1.33 33.68 -6.84
CA GLY A 195 2.20 32.52 -6.72
C GLY A 195 2.09 31.80 -5.38
N LYS A 196 1.29 32.36 -4.48
CA LYS A 196 1.13 31.80 -3.13
C LYS A 196 -0.13 30.95 -3.05
N ILE A 197 -0.13 30.03 -2.08
CA ILE A 197 -1.29 29.18 -1.83
C ILE A 197 -2.48 29.97 -1.23
N CYS A 198 -3.68 29.61 -1.66
CA CYS A 198 -4.89 30.30 -1.26
C CYS A 198 -5.93 29.27 -0.84
N TRP A 199 -6.53 29.48 0.34
CA TRP A 199 -7.66 28.65 0.76
C TRP A 199 -8.97 29.41 0.63
N VAL A 200 -9.95 28.81 -0.04
CA VAL A 200 -11.29 29.39 -0.11
C VAL A 200 -12.15 28.81 1.02
N ALA B 1 16.36 -26.47 -26.56
CA ALA B 1 14.88 -26.36 -26.75
C ALA B 1 14.38 -24.95 -26.46
N ARG B 2 13.48 -24.49 -27.31
CA ARG B 2 12.85 -23.18 -27.12
C ARG B 2 11.56 -23.38 -26.35
N VAL B 3 11.41 -22.68 -25.24
CA VAL B 3 10.30 -22.89 -24.31
C VAL B 3 9.34 -21.72 -24.16
N ALA B 4 8.04 -22.05 -24.20
CA ALA B 4 6.98 -21.16 -23.79
C ALA B 4 6.51 -21.55 -22.39
N VAL B 5 6.20 -20.55 -21.58
CA VAL B 5 5.54 -20.77 -20.30
C VAL B 5 4.17 -20.07 -20.39
N LEU B 6 3.12 -20.80 -20.08
CA LEU B 6 1.78 -20.22 -19.94
C LEU B 6 1.47 -20.07 -18.45
N ILE B 7 0.87 -18.92 -18.10
CA ILE B 7 0.58 -18.56 -16.72
C ILE B 7 -0.80 -17.90 -16.64
N SER B 8 -1.32 -17.78 -15.43
CA SER B 8 -2.56 -17.04 -15.16
C SER B 8 -2.45 -16.14 -13.94
N GLY B 9 -1.31 -16.13 -13.26
CA GLY B 9 -1.20 -15.40 -12.01
C GLY B 9 0.21 -14.99 -11.62
N THR B 10 0.59 -15.39 -10.41
CA THR B 10 1.81 -14.90 -9.73
C THR B 10 3.12 -15.17 -10.45
N GLY B 11 3.26 -16.36 -11.00
CA GLY B 11 4.46 -16.72 -11.74
C GLY B 11 5.67 -17.08 -10.93
N SER B 12 5.47 -17.57 -9.70
CA SER B 12 6.59 -18.06 -8.86
C SER B 12 7.31 -19.25 -9.51
N ASN B 13 6.55 -20.14 -10.16
CA ASN B 13 7.18 -21.22 -10.94
C ASN B 13 7.91 -20.71 -12.17
N LEU B 14 7.28 -19.77 -12.88
CA LEU B 14 7.89 -19.10 -14.01
C LEU B 14 9.28 -18.62 -13.61
N GLN B 15 9.37 -17.97 -12.46
CA GLN B 15 10.63 -17.42 -11.98
C GLN B 15 11.73 -18.47 -11.80
N ALA B 16 11.40 -19.61 -11.19
CA ALA B 16 12.37 -20.66 -10.95
C ALA B 16 12.83 -21.28 -12.28
N LEU B 17 11.91 -21.37 -13.23
CA LEU B 17 12.22 -21.85 -14.59
C LEU B 17 13.20 -20.90 -15.27
N ILE B 18 12.94 -19.60 -15.19
CA ILE B 18 13.87 -18.60 -15.75
C ILE B 18 15.28 -18.78 -15.18
N ASP B 19 15.39 -18.74 -13.86
CA ASP B 19 16.67 -18.88 -13.18
C ASP B 19 17.42 -20.19 -13.56
N SER B 20 16.68 -21.29 -13.59
CA SER B 20 17.26 -22.57 -13.97
C SER B 20 17.72 -22.66 -15.45
N THR B 21 16.95 -22.09 -16.38
CA THR B 21 17.33 -22.15 -17.81
C THR B 21 18.57 -21.31 -18.10
N ARG B 22 18.92 -20.42 -17.18
CA ARG B 22 20.10 -19.56 -17.35
C ARG B 22 21.35 -20.03 -16.62
N GLU B 23 21.24 -21.18 -15.94
CA GLU B 23 22.40 -21.85 -15.37
C GLU B 23 23.19 -22.47 -16.52
N PRO B 24 24.49 -22.68 -16.35
CA PRO B 24 25.28 -23.23 -17.46
C PRO B 24 24.88 -24.68 -17.77
N ASN B 25 25.01 -25.04 -19.05
CA ASN B 25 24.64 -26.37 -19.55
C ASN B 25 23.14 -26.65 -19.58
N SER B 26 22.32 -25.59 -19.49
CA SER B 26 20.88 -25.72 -19.65
C SER B 26 20.53 -26.18 -21.08
N SER B 27 19.52 -27.03 -21.21
CA SER B 27 19.08 -27.51 -22.53
C SER B 27 17.87 -26.71 -23.04
N ALA B 28 17.53 -25.65 -22.32
CA ALA B 28 16.31 -24.92 -22.60
C ALA B 28 16.48 -23.42 -22.42
N GLN B 29 15.74 -22.65 -23.20
CA GLN B 29 15.67 -21.20 -23.02
C GLN B 29 14.21 -20.80 -23.11
N ILE B 30 13.78 -19.93 -22.19
CA ILE B 30 12.41 -19.42 -22.23
C ILE B 30 12.35 -18.24 -23.18
N ASP B 31 11.55 -18.39 -24.24
CA ASP B 31 11.47 -17.40 -25.31
C ASP B 31 10.19 -16.58 -25.33
N ILE B 32 9.15 -17.10 -24.69
CA ILE B 32 7.89 -16.38 -24.59
C ILE B 32 7.14 -16.78 -23.34
N VAL B 33 6.43 -15.83 -22.77
CA VAL B 33 5.53 -16.08 -21.65
C VAL B 33 4.15 -15.58 -22.07
N ILE B 34 3.15 -16.44 -21.98
CA ILE B 34 1.79 -16.09 -22.39
C ILE B 34 0.87 -16.17 -21.18
N SER B 35 0.15 -15.09 -20.92
CA SER B 35 -0.88 -15.11 -19.89
C SER B 35 -2.25 -15.02 -20.52
N ASN B 36 -3.23 -15.69 -19.91
CA ASN B 36 -4.62 -15.55 -20.33
C ASN B 36 -5.31 -14.42 -19.58
N LYS B 37 -4.61 -13.79 -18.63
CA LYS B 37 -5.16 -12.67 -17.87
C LYS B 37 -4.16 -11.52 -17.78
N ALA B 38 -4.69 -10.30 -17.93
CA ALA B 38 -3.91 -9.07 -17.86
C ALA B 38 -3.56 -8.75 -16.41
N ALA B 39 -2.48 -7.98 -16.23
CA ALA B 39 -2.15 -7.37 -14.95
C ALA B 39 -1.77 -8.39 -13.89
N VAL B 40 -1.23 -9.53 -14.31
CA VAL B 40 -0.77 -10.54 -13.37
C VAL B 40 0.75 -10.40 -13.15
N ALA B 41 1.20 -10.72 -11.95
CA ALA B 41 2.59 -10.49 -11.55
C ALA B 41 3.58 -11.27 -12.42
N GLY B 42 3.14 -12.42 -12.92
CA GLY B 42 3.94 -13.26 -13.78
C GLY B 42 4.46 -12.53 -15.00
N LEU B 43 3.65 -11.62 -15.55
CA LEU B 43 4.04 -10.84 -16.72
C LEU B 43 5.17 -9.88 -16.41
N ASP B 44 5.13 -9.24 -15.24
CA ASP B 44 6.20 -8.35 -14.83
C ASP B 44 7.50 -9.12 -14.65
N LYS B 45 7.41 -10.31 -14.07
CA LYS B 45 8.57 -11.17 -13.87
C LYS B 45 9.22 -11.54 -15.21
N ALA B 46 8.37 -11.85 -16.21
CA ALA B 46 8.87 -12.17 -17.54
C ALA B 46 9.59 -10.98 -18.13
N GLU B 47 8.96 -9.81 -18.05
CA GLU B 47 9.56 -8.59 -18.62
C GLU B 47 10.84 -8.14 -17.92
N ARG B 48 10.87 -8.25 -16.60
CA ARG B 48 12.07 -7.95 -15.82
C ARG B 48 13.22 -8.88 -16.18
N ALA B 49 12.88 -10.07 -16.67
CA ALA B 49 13.87 -11.05 -17.12
C ALA B 49 14.29 -10.84 -18.57
N GLY B 50 13.66 -9.86 -19.22
CA GLY B 50 13.93 -9.55 -20.61
C GLY B 50 13.34 -10.56 -21.59
N ILE B 51 12.19 -11.13 -21.21
CA ILE B 51 11.50 -12.15 -22.01
C ILE B 51 10.19 -11.58 -22.54
N PRO B 52 9.92 -11.71 -23.83
CA PRO B 52 8.67 -11.18 -24.42
C PRO B 52 7.43 -11.83 -23.80
N THR B 53 6.34 -11.05 -23.74
CA THR B 53 5.07 -11.53 -23.19
C THR B 53 3.92 -11.27 -24.15
N ARG B 54 2.92 -12.13 -24.07
CA ARG B 54 1.63 -11.86 -24.68
C ARG B 54 0.52 -12.11 -23.66
N VAL B 55 -0.56 -11.34 -23.80
CA VAL B 55 -1.78 -11.55 -23.04
C VAL B 55 -2.84 -11.94 -24.07
N ILE B 56 -3.32 -13.17 -23.93
CA ILE B 56 -4.39 -13.67 -24.79
C ILE B 56 -5.61 -13.95 -23.91
N ASN B 57 -6.52 -12.99 -23.89
CA ASN B 57 -7.69 -13.02 -23.02
C ASN B 57 -8.70 -14.07 -23.48
N HIS B 58 -8.82 -15.15 -22.71
CA HIS B 58 -9.69 -16.26 -23.06
C HIS B 58 -11.16 -15.88 -23.16
N LYS B 59 -11.56 -14.84 -22.43
CA LYS B 59 -12.95 -14.35 -22.44
C LYS B 59 -13.37 -13.80 -23.79
N LEU B 60 -12.41 -13.49 -24.66
CA LEU B 60 -12.69 -12.86 -25.94
C LEU B 60 -12.85 -13.86 -27.10
N TYR B 61 -12.94 -15.15 -26.76
CA TYR B 61 -13.09 -16.20 -27.75
C TYR B 61 -14.39 -16.96 -27.50
N LYS B 62 -15.00 -17.45 -28.58
CA LYS B 62 -16.32 -18.10 -28.51
C LYS B 62 -16.23 -19.47 -27.83
N ASN B 63 -15.14 -20.18 -28.11
CA ASN B 63 -14.91 -21.49 -27.51
C ASN B 63 -13.42 -21.71 -27.20
N ARG B 64 -13.09 -22.90 -26.71
CA ARG B 64 -11.72 -23.24 -26.32
C ARG B 64 -10.81 -23.45 -27.51
N VAL B 65 -11.31 -24.10 -28.56
CA VAL B 65 -10.51 -24.39 -29.74
C VAL B 65 -9.91 -23.11 -30.34
N GLU B 66 -10.74 -22.07 -30.45
CA GLU B 66 -10.32 -20.76 -30.97
C GLU B 66 -9.32 -20.04 -30.05
N PHE B 67 -9.57 -20.06 -28.75
CA PHE B 67 -8.61 -19.53 -27.78
C PHE B 67 -7.27 -20.27 -27.95
N ASP B 68 -7.30 -21.60 -27.89
CA ASP B 68 -6.09 -22.43 -28.06
C ASP B 68 -5.35 -22.21 -29.39
N SER B 69 -6.11 -21.98 -30.46
CA SER B 69 -5.51 -21.67 -31.76
C SER B 69 -4.75 -20.34 -31.72
N ALA B 70 -5.30 -19.35 -31.03
CA ALA B 70 -4.59 -18.07 -30.86
C ALA B 70 -3.29 -18.27 -30.08
N ILE B 71 -3.30 -19.11 -29.05
CA ILE B 71 -2.07 -19.50 -28.36
C ILE B 71 -1.11 -20.16 -29.34
N ASP B 72 -1.60 -21.15 -30.06
CA ASP B 72 -0.77 -21.92 -30.97
C ASP B 72 -0.04 -21.07 -32.00
N LEU B 73 -0.75 -20.05 -32.51
CA LEU B 73 -0.20 -19.13 -33.51
C LEU B 73 1.04 -18.47 -32.97
N VAL B 74 0.95 -17.96 -31.74
CA VAL B 74 2.07 -17.30 -31.06
C VAL B 74 3.22 -18.27 -30.81
N LEU B 75 2.89 -19.51 -30.42
CA LEU B 75 3.88 -20.56 -30.21
C LEU B 75 4.66 -20.83 -31.49
N GLU B 76 3.93 -20.90 -32.61
CA GLU B 76 4.55 -21.05 -33.92
C GLU B 76 5.41 -19.83 -34.27
N GLU B 77 4.88 -18.63 -34.02
CA GLU B 77 5.61 -17.39 -34.29
C GLU B 77 6.99 -17.50 -33.66
N PHE B 78 7.02 -18.07 -32.45
CA PHE B 78 8.24 -18.13 -31.66
C PHE B 78 9.01 -19.44 -31.77
N SER B 79 8.67 -20.27 -32.76
CA SER B 79 9.36 -21.56 -33.00
C SER B 79 9.57 -22.38 -31.73
N ILE B 80 8.53 -22.47 -30.91
CA ILE B 80 8.57 -23.13 -29.59
C ILE B 80 8.61 -24.65 -29.69
N ASP B 81 9.46 -25.28 -28.88
CA ASP B 81 9.61 -26.74 -28.85
C ASP B 81 8.83 -27.38 -27.72
N ILE B 82 8.84 -26.72 -26.56
CA ILE B 82 8.26 -27.25 -25.33
C ILE B 82 7.41 -26.18 -24.65
N VAL B 83 6.26 -26.61 -24.14
CA VAL B 83 5.34 -25.72 -23.41
C VAL B 83 5.29 -26.13 -21.92
N CYS B 84 5.51 -25.17 -21.02
CA CYS B 84 5.29 -25.40 -19.60
C CYS B 84 4.07 -24.65 -19.11
N LEU B 85 3.16 -25.37 -18.42
CA LEU B 85 2.02 -24.74 -17.77
C LEU B 85 2.39 -24.47 -16.32
N ALA B 86 2.47 -23.19 -15.96
CA ALA B 86 2.97 -22.76 -14.66
C ALA B 86 1.95 -21.87 -13.97
N GLY B 87 0.96 -22.48 -13.32
CA GLY B 87 -0.18 -21.73 -12.80
C GLY B 87 -1.16 -21.32 -13.90
N PHE B 88 -1.14 -22.03 -15.02
CA PHE B 88 -2.12 -21.81 -16.07
C PHE B 88 -3.48 -22.46 -15.71
N MET B 89 -4.55 -21.68 -15.76
CA MET B 89 -5.83 -22.11 -15.23
C MET B 89 -6.88 -22.46 -16.31
N ARG B 90 -6.47 -22.58 -17.56
CA ARG B 90 -7.42 -22.91 -18.60
C ARG B 90 -7.21 -24.33 -19.06
N ILE B 91 -8.26 -25.13 -19.00
CA ILE B 91 -8.23 -26.45 -19.61
C ILE B 91 -8.15 -26.34 -21.13
N LEU B 92 -7.15 -27.03 -21.71
CA LEU B 92 -6.90 -26.93 -23.14
C LEU B 92 -7.66 -27.99 -23.91
N SER B 93 -8.09 -27.63 -25.12
CA SER B 93 -8.85 -28.51 -26.00
C SER B 93 -8.04 -29.71 -26.49
N GLY B 94 -8.76 -30.77 -26.85
CA GLY B 94 -8.19 -31.98 -27.41
C GLY B 94 -7.15 -31.78 -28.50
N PRO B 95 -7.51 -31.15 -29.62
CA PRO B 95 -6.56 -30.90 -30.71
C PRO B 95 -5.28 -30.17 -30.31
N PHE B 96 -5.35 -29.16 -29.45
CA PHE B 96 -4.14 -28.49 -28.96
C PHE B 96 -3.25 -29.47 -28.19
N VAL B 97 -3.86 -30.22 -27.28
CA VAL B 97 -3.15 -31.16 -26.41
C VAL B 97 -2.48 -32.28 -27.23
N GLN B 98 -3.22 -32.83 -28.18
CA GLN B 98 -2.71 -33.80 -29.15
C GLN B 98 -1.51 -33.23 -29.93
N LYS B 99 -1.65 -32.00 -30.43
CA LYS B 99 -0.55 -31.34 -31.16
C LYS B 99 0.74 -31.24 -30.32
N TRP B 100 0.60 -30.90 -29.04
CA TRP B 100 1.77 -30.72 -28.16
C TRP B 100 2.11 -31.95 -27.30
N ASN B 101 1.58 -33.12 -27.68
CA ASN B 101 1.77 -34.37 -26.92
C ASN B 101 3.25 -34.69 -26.79
N GLY B 102 3.69 -34.94 -25.56
CA GLY B 102 5.09 -35.23 -25.30
C GLY B 102 5.97 -33.99 -25.26
N LYS B 103 5.36 -32.82 -25.44
CA LYS B 103 6.10 -31.56 -25.53
C LYS B 103 5.55 -30.50 -24.55
N MET B 104 4.52 -30.85 -23.79
CA MET B 104 3.88 -29.90 -22.87
C MET B 104 3.82 -30.47 -21.45
N LEU B 105 4.32 -29.71 -20.49
CA LEU B 105 4.38 -30.15 -19.09
C LEU B 105 3.57 -29.25 -18.15
N ASN B 106 3.00 -29.85 -17.12
CA ASN B 106 2.26 -29.10 -16.11
C ASN B 106 2.80 -29.35 -14.71
N ILE B 107 2.73 -28.34 -13.85
CA ILE B 107 3.05 -28.51 -12.43
C ILE B 107 1.73 -28.61 -11.67
N HIS B 108 1.54 -29.70 -10.91
CA HIS B 108 0.32 -29.83 -10.11
C HIS B 108 0.65 -30.00 -8.62
N PRO B 109 0.03 -29.20 -7.74
CA PRO B 109 0.38 -29.22 -6.32
C PRO B 109 -0.28 -30.32 -5.48
N SER B 110 -0.20 -31.56 -5.96
CA SER B 110 -0.48 -32.72 -5.14
C SER B 110 0.38 -33.88 -5.64
N LEU B 111 0.40 -34.98 -4.88
CA LEU B 111 0.96 -36.22 -5.36
C LEU B 111 -0.11 -36.94 -6.15
N LEU B 112 -0.14 -36.72 -7.46
CA LEU B 112 -1.08 -37.42 -8.34
C LEU B 112 -0.86 -38.93 -8.21
N PRO B 113 -1.91 -39.76 -8.29
CA PRO B 113 -3.30 -39.39 -8.65
C PRO B 113 -4.24 -38.81 -7.55
N SER B 114 -3.77 -38.52 -6.36
CA SER B 114 -4.59 -37.84 -5.35
C SER B 114 -4.85 -36.38 -5.71
N PHE B 115 -6.02 -35.90 -5.32
CA PHE B 115 -6.36 -34.49 -5.36
C PHE B 115 -6.12 -33.85 -6.73
N LYS B 116 -6.73 -34.46 -7.74
CA LYS B 116 -6.77 -33.85 -9.06
C LYS B 116 -7.62 -32.58 -8.99
N GLY B 117 -7.34 -31.62 -9.86
CA GLY B 117 -8.14 -30.40 -9.88
C GLY B 117 -7.43 -29.22 -9.23
N SER B 118 -8.03 -28.04 -9.38
CA SER B 118 -7.36 -26.78 -9.08
C SER B 118 -7.29 -26.39 -7.61
N ASN B 119 -8.03 -27.09 -6.77
CA ASN B 119 -8.05 -26.81 -5.35
C ASN B 119 -7.47 -27.99 -4.57
N ALA B 120 -6.30 -28.47 -5.02
CA ALA B 120 -5.69 -29.66 -4.42
C ALA B 120 -5.41 -29.50 -2.91
N HIS B 121 -4.95 -28.32 -2.50
CA HIS B 121 -4.65 -28.03 -1.09
C HIS B 121 -5.91 -28.10 -0.21
N GLU B 122 -7.00 -27.49 -0.67
CA GLU B 122 -8.29 -27.56 0.06
C GLU B 122 -8.71 -29.02 0.27
N GLN B 123 -8.57 -29.84 -0.78
CA GLN B 123 -8.87 -31.27 -0.72
C GLN B 123 -7.92 -32.01 0.25
N ALA B 124 -6.62 -31.72 0.18
CA ALA B 124 -5.63 -32.35 1.07
C ALA B 124 -5.94 -32.10 2.53
N LEU B 125 -6.25 -30.84 2.87
CA LEU B 125 -6.66 -30.46 4.23
C LEU B 125 -7.98 -31.11 4.69
N GLU B 126 -8.97 -31.10 3.80
CA GLU B 126 -10.27 -31.72 4.09
C GLU B 126 -10.12 -33.22 4.42
N THR B 127 -9.31 -33.89 3.61
CA THR B 127 -9.05 -35.31 3.72
C THR B 127 -8.21 -35.68 4.95
N GLY B 128 -7.25 -34.82 5.32
CA GLY B 128 -6.48 -35.04 6.54
C GLY B 128 -5.20 -35.84 6.33
N VAL B 129 -4.66 -35.77 5.11
CA VAL B 129 -3.33 -36.34 4.86
C VAL B 129 -2.28 -35.61 5.69
N THR B 130 -1.26 -36.33 6.12
CA THR B 130 -0.11 -35.72 6.77
C THR B 130 1.02 -35.52 5.75
N VAL B 131 0.85 -36.10 4.56
CA VAL B 131 1.82 -35.98 3.49
C VAL B 131 1.09 -35.68 2.17
N THR B 132 1.49 -34.57 1.54
CA THR B 132 1.02 -34.23 0.22
C THR B 132 2.29 -34.00 -0.61
N GLY B 133 2.22 -33.18 -1.63
CA GLY B 133 3.38 -32.94 -2.46
C GLY B 133 3.03 -32.28 -3.76
N CYS B 134 3.90 -32.43 -4.75
CA CYS B 134 3.67 -31.86 -6.08
C CYS B 134 4.15 -32.80 -7.16
N THR B 135 3.65 -32.59 -8.37
CA THR B 135 3.84 -33.50 -9.51
C THR B 135 4.08 -32.72 -10.80
N VAL B 136 5.11 -33.10 -11.54
CA VAL B 136 5.25 -32.63 -12.91
C VAL B 136 4.81 -33.75 -13.84
N HIS B 137 3.90 -33.42 -14.75
CA HIS B 137 3.39 -34.44 -15.64
C HIS B 137 3.26 -33.90 -17.06
N PHE B 138 3.41 -34.79 -18.04
CA PHE B 138 3.00 -34.47 -19.39
C PHE B 138 1.49 -34.18 -19.37
N VAL B 139 1.06 -33.26 -20.21
CA VAL B 139 -0.35 -32.90 -20.27
C VAL B 139 -1.07 -33.82 -21.26
N ALA B 140 -2.11 -34.50 -20.77
CA ALA B 140 -2.99 -35.29 -21.60
C ALA B 140 -4.34 -34.62 -21.60
N GLU B 141 -5.21 -35.05 -22.49
CA GLU B 141 -6.57 -34.54 -22.58
C GLU B 141 -7.27 -34.57 -21.22
N ASP B 142 -7.26 -35.73 -20.57
CA ASP B 142 -7.81 -35.84 -19.23
C ASP B 142 -7.00 -35.00 -18.25
N VAL B 143 -7.70 -34.11 -17.56
CA VAL B 143 -7.12 -33.14 -16.66
C VAL B 143 -6.33 -33.83 -15.55
N ASP B 144 -5.09 -33.39 -15.35
CA ASP B 144 -4.23 -33.87 -14.28
C ASP B 144 -4.09 -35.39 -14.31
N ALA B 145 -4.08 -35.97 -15.51
CA ALA B 145 -4.03 -37.42 -15.65
C ALA B 145 -2.96 -37.86 -16.63
N GLY B 146 -2.14 -36.93 -17.10
CA GLY B 146 -1.06 -37.30 -18.00
C GLY B 146 0.09 -37.99 -17.28
N GLN B 147 1.06 -38.47 -18.06
CA GLN B 147 2.15 -39.28 -17.51
C GLN B 147 3.07 -38.49 -16.57
N ILE B 148 3.35 -39.10 -15.43
CA ILE B 148 4.14 -38.47 -14.37
C ILE B 148 5.64 -38.51 -14.69
N ILE B 149 6.29 -37.35 -14.60
CA ILE B 149 7.73 -37.23 -14.81
C ILE B 149 8.45 -37.25 -13.48
N LEU B 150 8.15 -36.26 -12.63
CA LEU B 150 8.73 -36.21 -11.27
C LEU B 150 7.67 -35.88 -10.23
N GLN B 151 7.96 -36.22 -8.96
CA GLN B 151 7.12 -35.88 -7.82
C GLN B 151 8.00 -35.62 -6.62
N GLU B 152 7.54 -34.74 -5.72
CA GLU B 152 8.19 -34.55 -4.43
C GLU B 152 7.15 -34.44 -3.30
N ALA B 153 7.37 -35.22 -2.25
CA ALA B 153 6.49 -35.26 -1.09
C ALA B 153 6.81 -34.06 -0.20
N VAL B 154 5.76 -33.50 0.40
CA VAL B 154 5.87 -32.34 1.29
C VAL B 154 4.97 -32.60 2.51
N PRO B 155 5.51 -32.44 3.72
CA PRO B 155 4.69 -32.64 4.91
C PRO B 155 3.55 -31.63 5.04
N VAL B 156 2.43 -32.11 5.59
CA VAL B 156 1.36 -31.24 6.05
C VAL B 156 1.55 -31.05 7.57
N LYS B 157 1.57 -29.79 8.02
CA LYS B 157 1.66 -29.45 9.45
C LYS B 157 0.26 -29.30 10.04
N ARG B 158 0.06 -29.83 11.24
CA ARG B 158 -1.20 -29.61 11.96
C ARG B 158 -1.45 -28.11 12.05
N GLY B 159 -2.64 -27.68 11.66
CA GLY B 159 -3.02 -26.27 11.72
C GLY B 159 -2.62 -25.45 10.49
N ASP B 160 -2.05 -26.12 9.48
CA ASP B 160 -1.87 -25.54 8.15
C ASP B 160 -3.16 -24.93 7.61
N THR B 161 -3.01 -23.84 6.86
CA THR B 161 -4.11 -23.34 6.04
C THR B 161 -3.75 -23.64 4.60
N VAL B 162 -4.65 -23.30 3.68
CA VAL B 162 -4.38 -23.45 2.27
C VAL B 162 -3.14 -22.62 1.93
N ALA B 163 -3.08 -21.40 2.45
CA ALA B 163 -1.92 -20.53 2.26
C ALA B 163 -0.60 -21.09 2.81
N THR B 164 -0.56 -21.59 4.05
CA THR B 164 0.73 -22.09 4.58
C THR B 164 1.17 -23.35 3.82
N LEU B 165 0.22 -24.22 3.52
CA LEU B 165 0.53 -25.46 2.82
C LEU B 165 0.96 -25.18 1.38
N SER B 166 0.25 -24.26 0.72
CA SER B 166 0.58 -23.85 -0.63
C SER B 166 2.01 -23.33 -0.73
N GLU B 167 2.39 -22.43 0.18
CA GLU B 167 3.74 -21.89 0.20
C GLU B 167 4.82 -22.99 0.38
N ARG B 168 4.57 -23.96 1.27
CA ARG B 168 5.53 -25.05 1.50
C ARG B 168 5.66 -25.92 0.24
N VAL B 169 4.54 -26.20 -0.41
CA VAL B 169 4.53 -26.99 -1.65
C VAL B 169 5.21 -26.26 -2.84
N LYS B 170 5.00 -24.95 -2.96
CA LYS B 170 5.65 -24.18 -4.03
C LYS B 170 7.18 -24.30 -3.98
N LEU B 171 7.73 -24.39 -2.77
CA LEU B 171 9.18 -24.54 -2.60
C LEU B 171 9.67 -25.82 -3.25
N ALA B 172 8.86 -26.89 -3.17
CA ALA B 172 9.20 -28.15 -3.83
C ALA B 172 8.96 -28.06 -5.35
N GLU B 173 7.89 -27.37 -5.73
CA GLU B 173 7.57 -27.11 -7.14
C GLU B 173 8.76 -26.51 -7.89
N HIS B 174 9.40 -25.55 -7.24
CA HIS B 174 10.50 -24.76 -7.80
C HIS B 174 11.76 -25.61 -7.97
N LYS B 175 11.77 -26.78 -7.36
CA LYS B 175 12.84 -27.74 -7.52
C LYS B 175 12.54 -28.71 -8.67
N ILE B 176 11.37 -29.35 -8.65
CA ILE B 176 11.12 -30.43 -9.61
C ILE B 176 10.65 -29.97 -11.00
N PHE B 177 10.03 -28.80 -11.09
CA PHE B 177 9.63 -28.28 -12.41
C PHE B 177 10.84 -27.94 -13.29
N PRO B 178 11.78 -27.10 -12.82
CA PRO B 178 13.02 -26.87 -13.58
C PRO B 178 13.74 -28.19 -13.89
N ALA B 179 13.76 -29.11 -12.93
CA ALA B 179 14.46 -30.38 -13.12
C ALA B 179 13.81 -31.22 -14.24
N ALA B 180 12.48 -31.27 -14.25
CA ALA B 180 11.73 -32.01 -15.26
C ALA B 180 11.86 -31.37 -16.65
N LEU B 181 11.84 -30.03 -16.70
CA LEU B 181 12.06 -29.30 -17.95
C LEU B 181 13.41 -29.68 -18.58
N GLN B 182 14.47 -29.67 -17.78
CA GLN B 182 15.79 -30.07 -18.26
C GLN B 182 15.83 -31.52 -18.75
N LEU B 183 15.12 -32.41 -18.06
CA LEU B 183 15.06 -33.81 -18.45
C LEU B 183 14.42 -33.97 -19.85
N VAL B 184 13.32 -33.25 -20.09
CA VAL B 184 12.61 -33.32 -21.36
C VAL B 184 13.34 -32.52 -22.45
N ALA B 185 13.86 -31.35 -22.08
CA ALA B 185 14.63 -30.54 -23.01
C ALA B 185 15.89 -31.23 -23.51
N SER B 186 16.55 -32.00 -22.63
CA SER B 186 17.76 -32.73 -22.99
C SER B 186 17.48 -34.02 -23.78
N GLY B 187 16.20 -34.42 -23.85
CA GLY B 187 15.85 -35.70 -24.44
C GLY B 187 16.10 -36.91 -23.53
N THR B 188 16.37 -36.66 -22.25
CA THR B 188 16.59 -37.71 -21.26
C THR B 188 15.27 -38.42 -20.93
N VAL B 189 14.20 -37.62 -20.84
CA VAL B 189 12.86 -38.13 -20.60
C VAL B 189 12.00 -37.80 -21.80
N GLN B 190 11.29 -38.79 -22.30
CA GLN B 190 10.43 -38.66 -23.47
C GLN B 190 9.09 -39.32 -23.20
N LEU B 191 8.05 -38.90 -23.92
CA LEU B 191 6.81 -39.64 -23.97
C LEU B 191 6.95 -40.69 -25.05
N GLY B 192 7.02 -41.96 -24.66
CA GLY B 192 7.20 -43.03 -25.61
C GLY B 192 5.97 -43.32 -26.45
N GLU B 193 6.18 -43.97 -27.59
CA GLU B 193 5.11 -44.39 -28.50
C GLU B 193 3.96 -45.09 -27.78
N ASN B 194 4.29 -46.03 -26.91
CA ASN B 194 3.32 -46.78 -26.12
C ASN B 194 2.58 -45.93 -25.07
N GLY B 195 2.74 -44.61 -25.15
CA GLY B 195 2.05 -43.68 -24.27
C GLY B 195 2.64 -43.56 -22.87
N LYS B 196 3.68 -44.35 -22.59
CA LYS B 196 4.30 -44.34 -21.27
C LYS B 196 5.61 -43.57 -21.29
N ILE B 197 5.99 -43.05 -20.13
CA ILE B 197 7.26 -42.34 -19.94
C ILE B 197 8.45 -43.26 -20.20
N CYS B 198 9.49 -42.70 -20.79
CA CYS B 198 10.67 -43.46 -21.12
C CYS B 198 11.90 -42.63 -20.81
N TRP B 199 12.83 -43.22 -20.06
CA TRP B 199 14.08 -42.56 -19.74
C TRP B 199 15.20 -43.09 -20.65
N VAL B 200 15.89 -42.18 -21.35
CA VAL B 200 16.96 -42.58 -22.26
C VAL B 200 18.31 -42.61 -21.53
N ALA C 1 -27.16 1.16 -12.04
CA ALA C 1 -27.42 0.80 -10.62
C ALA C 1 -26.13 0.74 -9.81
N ARG C 2 -26.14 1.37 -8.63
CA ARG C 2 -25.04 1.31 -7.69
C ARG C 2 -25.20 0.11 -6.76
N VAL C 3 -24.20 -0.75 -6.74
CA VAL C 3 -24.30 -2.04 -6.06
C VAL C 3 -23.36 -2.12 -4.88
N ALA C 4 -23.88 -2.62 -3.77
CA ALA C 4 -23.08 -3.03 -2.63
C ALA C 4 -22.99 -4.56 -2.57
N VAL C 5 -21.81 -5.07 -2.29
CA VAL C 5 -21.65 -6.50 -2.04
C VAL C 5 -21.34 -6.76 -0.57
N LEU C 6 -22.15 -7.62 0.05
CA LEU C 6 -21.95 -8.03 1.44
C LEU C 6 -21.26 -9.39 1.48
N ILE C 7 -20.19 -9.50 2.26
CA ILE C 7 -19.41 -10.73 2.37
C ILE C 7 -19.15 -11.07 3.85
N SER C 8 -18.77 -12.32 4.10
CA SER C 8 -18.35 -12.75 5.43
C SER C 8 -17.00 -13.47 5.39
N GLY C 9 -16.52 -13.80 4.19
CA GLY C 9 -15.33 -14.62 4.07
C GLY C 9 -14.53 -14.36 2.82
N THR C 10 -14.44 -15.40 1.99
CA THR C 10 -13.55 -15.47 0.84
C THR C 10 -13.84 -14.46 -0.28
N GLY C 11 -15.11 -14.10 -0.48
CA GLY C 11 -15.50 -13.24 -1.58
C GLY C 11 -15.30 -13.91 -2.94
N SER C 12 -15.58 -15.22 -2.98
CA SER C 12 -15.40 -16.07 -4.16
C SER C 12 -16.14 -15.54 -5.39
N ASN C 13 -17.36 -15.04 -5.21
CA ASN C 13 -18.13 -14.51 -6.33
C ASN C 13 -17.90 -13.03 -6.62
N LEU C 14 -17.12 -12.36 -5.75
CA LEU C 14 -16.86 -10.93 -5.85
C LEU C 14 -16.17 -10.56 -7.15
N GLN C 15 -15.09 -11.26 -7.49
CA GLN C 15 -14.37 -10.94 -8.71
C GLN C 15 -15.24 -11.12 -9.95
N ALA C 16 -16.09 -12.15 -9.96
CA ALA C 16 -16.97 -12.37 -11.09
C ALA C 16 -17.95 -11.21 -11.23
N LEU C 17 -18.47 -10.74 -10.10
CA LEU C 17 -19.35 -9.57 -10.11
C LEU C 17 -18.61 -8.34 -10.63
N ILE C 18 -17.41 -8.09 -10.10
CA ILE C 18 -16.56 -6.97 -10.53
C ILE C 18 -16.30 -6.96 -12.03
N ASP C 19 -15.84 -8.09 -12.57
CA ASP C 19 -15.48 -8.20 -13.98
C ASP C 19 -16.67 -7.87 -14.88
N SER C 20 -17.83 -8.40 -14.50
CA SER C 20 -19.06 -8.19 -15.20
C SER C 20 -19.46 -6.72 -15.26
N THR C 21 -19.39 -6.03 -14.12
CA THR C 21 -19.80 -4.63 -14.06
C THR C 21 -18.87 -3.72 -14.85
N ARG C 22 -17.67 -4.19 -15.13
CA ARG C 22 -16.70 -3.39 -15.87
C ARG C 22 -16.68 -3.66 -17.37
N GLU C 23 -17.53 -4.58 -17.82
CA GLU C 23 -17.71 -4.83 -19.26
C GLU C 23 -18.55 -3.70 -19.86
N PRO C 24 -18.33 -3.37 -21.13
CA PRO C 24 -19.15 -2.34 -21.79
C PRO C 24 -20.61 -2.78 -21.80
N ASN C 25 -21.53 -1.82 -21.73
CA ASN C 25 -22.97 -2.10 -21.65
C ASN C 25 -23.44 -2.69 -20.32
N SER C 26 -22.60 -2.58 -19.29
CA SER C 26 -22.99 -3.02 -17.97
C SER C 26 -24.03 -2.05 -17.41
N SER C 27 -25.03 -2.61 -16.74
CA SER C 27 -26.06 -1.76 -16.11
C SER C 27 -25.72 -1.48 -14.66
N ALA C 28 -24.57 -1.96 -14.19
CA ALA C 28 -24.23 -1.90 -12.77
C ALA C 28 -22.76 -1.55 -12.47
N GLN C 29 -22.53 -0.94 -11.30
CA GLN C 29 -21.19 -0.65 -10.80
C GLN C 29 -21.13 -1.10 -9.36
N ILE C 30 -20.02 -1.72 -8.96
CA ILE C 30 -19.82 -2.07 -7.56
C ILE C 30 -19.09 -0.94 -6.85
N ASP C 31 -19.76 -0.34 -5.88
CA ASP C 31 -19.27 0.88 -5.26
C ASP C 31 -18.78 0.68 -3.84
N ILE C 32 -19.13 -0.46 -3.25
CA ILE C 32 -18.74 -0.74 -1.87
C ILE C 32 -18.82 -2.24 -1.59
N VAL C 33 -17.88 -2.71 -0.79
CA VAL C 33 -17.91 -4.07 -0.27
C VAL C 33 -17.92 -4.03 1.26
N ILE C 34 -18.93 -4.67 1.86
CA ILE C 34 -19.07 -4.70 3.31
C ILE C 34 -18.95 -6.11 3.86
N SER C 35 -18.08 -6.26 4.86
CA SER C 35 -17.92 -7.50 5.59
C SER C 35 -18.35 -7.31 7.03
N ASN C 36 -18.95 -8.34 7.62
CA ASN C 36 -19.19 -8.39 9.06
C ASN C 36 -17.99 -8.98 9.82
N LYS C 37 -16.96 -9.39 9.07
CA LYS C 37 -15.77 -10.02 9.65
C LYS C 37 -14.50 -9.35 9.13
N ALA C 38 -13.63 -8.95 10.05
CA ALA C 38 -12.41 -8.23 9.71
C ALA C 38 -11.37 -9.17 9.11
N ALA C 39 -10.47 -8.60 8.30
CA ALA C 39 -9.29 -9.31 7.79
C ALA C 39 -9.55 -10.52 6.88
N VAL C 40 -10.77 -10.69 6.40
CA VAL C 40 -11.08 -11.77 5.47
C VAL C 40 -10.62 -11.47 4.03
N ALA C 41 -10.44 -12.52 3.24
CA ALA C 41 -9.83 -12.38 1.91
C ALA C 41 -10.70 -11.65 0.87
N GLY C 42 -12.01 -11.62 1.09
CA GLY C 42 -12.90 -10.88 0.22
C GLY C 42 -12.59 -9.39 0.22
N LEU C 43 -12.13 -8.89 1.36
CA LEU C 43 -11.77 -7.49 1.54
C LEU C 43 -10.52 -7.12 0.75
N ASP C 44 -9.56 -8.04 0.68
CA ASP C 44 -8.34 -7.82 -0.08
C ASP C 44 -8.64 -7.81 -1.59
N LYS C 45 -9.59 -8.65 -2.00
CA LYS C 45 -10.04 -8.68 -3.40
C LYS C 45 -10.66 -7.33 -3.78
N ALA C 46 -11.50 -6.81 -2.91
CA ALA C 46 -12.16 -5.53 -3.12
C ALA C 46 -11.13 -4.41 -3.15
N GLU C 47 -10.16 -4.47 -2.24
CA GLU C 47 -9.08 -3.50 -2.17
C GLU C 47 -8.21 -3.48 -3.44
N ARG C 48 -7.84 -4.65 -3.93
CA ARG C 48 -7.08 -4.81 -5.18
C ARG C 48 -7.83 -4.24 -6.39
N ALA C 49 -9.16 -4.34 -6.36
CA ALA C 49 -10.03 -3.80 -7.38
C ALA C 49 -10.28 -2.29 -7.22
N GLY C 50 -9.74 -1.71 -6.15
CA GLY C 50 -9.89 -0.29 -5.87
C GLY C 50 -11.33 0.11 -5.55
N ILE C 51 -12.04 -0.80 -4.88
CA ILE C 51 -13.39 -0.56 -4.37
C ILE C 51 -13.37 -0.27 -2.86
N PRO C 52 -14.02 0.81 -2.41
CA PRO C 52 -14.13 1.11 -0.98
C PRO C 52 -14.71 -0.06 -0.15
N THR C 53 -14.22 -0.20 1.08
CA THR C 53 -14.65 -1.27 1.98
C THR C 53 -15.04 -0.71 3.33
N ARG C 54 -15.98 -1.39 3.99
CA ARG C 54 -16.25 -1.17 5.41
C ARG C 54 -16.35 -2.50 6.14
N VAL C 55 -15.93 -2.51 7.41
CA VAL C 55 -16.18 -3.64 8.29
C VAL C 55 -17.18 -3.23 9.37
N ILE C 56 -18.28 -3.95 9.45
CA ILE C 56 -19.31 -3.72 10.46
C ILE C 56 -19.47 -5.03 11.22
N ASN C 57 -18.82 -5.13 12.38
CA ASN C 57 -18.78 -6.36 13.18
C ASN C 57 -20.12 -6.64 13.87
N HIS C 58 -20.77 -7.72 13.45
CA HIS C 58 -22.08 -8.10 13.99
C HIS C 58 -22.06 -8.44 15.49
N LYS C 59 -20.93 -8.92 15.98
CA LYS C 59 -20.78 -9.27 17.40
C LYS C 59 -20.91 -8.05 18.33
N LEU C 60 -20.61 -6.88 17.79
CA LEU C 60 -20.64 -5.63 18.56
C LEU C 60 -22.06 -5.07 18.79
N TYR C 61 -23.07 -5.73 18.21
CA TYR C 61 -24.45 -5.23 18.28
C TYR C 61 -25.35 -6.12 19.15
N LYS C 62 -26.26 -5.47 19.88
CA LYS C 62 -27.15 -6.15 20.83
C LYS C 62 -28.09 -7.14 20.15
N ASN C 63 -28.53 -6.79 18.95
CA ASN C 63 -29.35 -7.67 18.11
C ASN C 63 -29.16 -7.41 16.61
N ARG C 64 -29.90 -8.15 15.79
CA ARG C 64 -29.81 -8.07 14.33
C ARG C 64 -30.30 -6.74 13.77
N VAL C 65 -31.42 -6.24 14.31
CA VAL C 65 -32.00 -4.97 13.89
C VAL C 65 -30.97 -3.84 13.97
N GLU C 66 -30.24 -3.77 15.09
CA GLU C 66 -29.22 -2.75 15.29
C GLU C 66 -28.06 -2.90 14.31
N PHE C 67 -27.63 -4.14 14.10
CA PHE C 67 -26.55 -4.47 13.17
C PHE C 67 -26.96 -4.18 11.72
N ASP C 68 -28.19 -4.53 11.35
CA ASP C 68 -28.72 -4.26 10.02
C ASP C 68 -28.89 -2.76 9.77
N SER C 69 -29.24 -2.03 10.82
CA SER C 69 -29.35 -0.57 10.74
C SER C 69 -27.99 0.08 10.45
N ALA C 70 -26.95 -0.45 11.09
CA ALA C 70 -25.59 0.01 10.82
C ALA C 70 -25.20 -0.25 9.36
N ILE C 71 -25.60 -1.43 8.84
CA ILE C 71 -25.41 -1.75 7.42
C ILE C 71 -26.16 -0.75 6.54
N ASP C 72 -27.44 -0.55 6.84
CA ASP C 72 -28.28 0.40 6.08
C ASP C 72 -27.74 1.83 6.07
N LEU C 73 -27.10 2.25 7.17
CA LEU C 73 -26.50 3.58 7.26
C LEU C 73 -25.39 3.75 6.22
N VAL C 74 -24.54 2.73 6.11
CA VAL C 74 -23.47 2.77 5.11
C VAL C 74 -24.06 2.74 3.69
N LEU C 75 -25.07 1.88 3.49
CA LEU C 75 -25.75 1.73 2.21
C LEU C 75 -26.34 3.06 1.70
N GLU C 76 -27.04 3.77 2.58
CA GLU C 76 -27.54 5.12 2.27
C GLU C 76 -26.42 6.14 2.00
N GLU C 77 -25.35 6.05 2.79
CA GLU C 77 -24.18 6.92 2.60
C GLU C 77 -23.64 6.79 1.16
N PHE C 78 -23.63 5.56 0.66
CA PHE C 78 -23.10 5.27 -0.68
C PHE C 78 -24.18 5.31 -1.78
N SER C 79 -25.39 5.75 -1.42
CA SER C 79 -26.52 5.82 -2.36
C SER C 79 -26.74 4.51 -3.16
N ILE C 80 -26.73 3.39 -2.46
CA ILE C 80 -26.80 2.05 -3.07
C ILE C 80 -28.20 1.71 -3.59
N ASP C 81 -28.26 1.13 -4.79
CA ASP C 81 -29.52 0.72 -5.43
C ASP C 81 -29.80 -0.77 -5.25
N ILE C 82 -28.75 -1.58 -5.32
CA ILE C 82 -28.87 -3.03 -5.26
C ILE C 82 -27.83 -3.63 -4.32
N VAL C 83 -28.26 -4.59 -3.51
CA VAL C 83 -27.37 -5.38 -2.66
C VAL C 83 -27.23 -6.81 -3.20
N CYS C 84 -25.99 -7.28 -3.30
CA CYS C 84 -25.68 -8.69 -3.55
C CYS C 84 -25.05 -9.33 -2.32
N LEU C 85 -25.58 -10.46 -1.90
CA LEU C 85 -24.97 -11.24 -0.84
C LEU C 85 -24.08 -12.29 -1.50
N ALA C 86 -22.78 -12.23 -1.20
CA ALA C 86 -21.82 -13.16 -1.77
C ALA C 86 -21.03 -13.81 -0.65
N GLY C 87 -21.55 -14.94 -0.16
CA GLY C 87 -20.96 -15.59 0.98
C GLY C 87 -21.17 -14.84 2.29
N PHE C 88 -22.15 -13.92 2.31
CA PHE C 88 -22.59 -13.25 3.54
C PHE C 88 -23.33 -14.25 4.44
N MET C 89 -22.94 -14.33 5.71
CA MET C 89 -23.39 -15.42 6.58
C MET C 89 -24.31 -15.00 7.73
N ARG C 90 -24.76 -13.74 7.73
CA ARG C 90 -25.72 -13.27 8.72
C ARG C 90 -27.13 -13.21 8.12
N ILE C 91 -28.06 -13.94 8.75
CA ILE C 91 -29.48 -13.81 8.47
C ILE C 91 -29.97 -12.41 8.82
N LEU C 92 -30.65 -11.78 7.88
CA LEU C 92 -31.03 -10.38 8.02
C LEU C 92 -32.45 -10.25 8.59
N SER C 93 -32.65 -9.18 9.36
CA SER C 93 -33.93 -8.88 10.00
C SER C 93 -35.03 -8.55 9.00
N GLY C 94 -36.27 -8.79 9.41
CA GLY C 94 -37.46 -8.45 8.66
C GLY C 94 -37.47 -7.06 8.04
N PRO C 95 -37.31 -6.00 8.84
CA PRO C 95 -37.35 -4.63 8.32
C PRO C 95 -36.27 -4.34 7.26
N PHE C 96 -35.03 -4.76 7.50
CA PHE C 96 -33.99 -4.57 6.50
C PHE C 96 -34.39 -5.26 5.18
N VAL C 97 -34.80 -6.52 5.29
CA VAL C 97 -35.22 -7.33 4.14
C VAL C 97 -36.37 -6.65 3.37
N GLN C 98 -37.41 -6.24 4.10
CA GLN C 98 -38.54 -5.50 3.55
C GLN C 98 -38.13 -4.23 2.80
N LYS C 99 -37.27 -3.41 3.42
CA LYS C 99 -36.87 -2.16 2.80
C LYS C 99 -36.11 -2.45 1.49
N TRP C 100 -35.34 -3.52 1.46
CA TRP C 100 -34.56 -3.86 0.26
C TRP C 100 -35.21 -4.83 -0.72
N ASN C 101 -36.52 -5.03 -0.55
CA ASN C 101 -37.34 -5.93 -1.38
C ASN C 101 -37.30 -5.61 -2.88
N GLY C 102 -36.96 -6.63 -3.66
CA GLY C 102 -36.79 -6.48 -5.09
C GLY C 102 -35.44 -5.91 -5.46
N LYS C 103 -34.61 -5.64 -4.46
CA LYS C 103 -33.30 -4.99 -4.70
C LYS C 103 -32.12 -5.71 -4.07
N MET C 104 -32.36 -6.87 -3.46
CA MET C 104 -31.28 -7.61 -2.83
C MET C 104 -31.27 -9.07 -3.30
N LEU C 105 -30.11 -9.52 -3.77
CA LEU C 105 -29.94 -10.87 -4.33
C LEU C 105 -28.98 -11.71 -3.51
N ASN C 106 -29.23 -13.02 -3.49
CA ASN C 106 -28.32 -13.96 -2.85
C ASN C 106 -27.93 -15.09 -3.81
N ILE C 107 -26.70 -15.56 -3.66
CA ILE C 107 -26.24 -16.79 -4.34
C ILE C 107 -26.24 -17.97 -3.35
N HIS C 108 -26.92 -19.05 -3.71
CA HIS C 108 -26.99 -20.23 -2.85
C HIS C 108 -26.51 -21.48 -3.62
N PRO C 109 -25.64 -22.30 -3.02
CA PRO C 109 -25.03 -23.41 -3.76
C PRO C 109 -25.87 -24.69 -3.76
N SER C 110 -27.16 -24.56 -4.09
CA SER C 110 -27.99 -25.70 -4.45
C SER C 110 -29.09 -25.25 -5.41
N LEU C 111 -29.80 -26.22 -5.96
CA LEU C 111 -31.00 -25.95 -6.74
C LEU C 111 -32.19 -25.90 -5.81
N LEU C 112 -32.46 -24.71 -5.28
CA LEU C 112 -33.62 -24.47 -4.42
C LEU C 112 -34.87 -24.96 -5.13
N PRO C 113 -35.87 -25.49 -4.43
CA PRO C 113 -35.93 -25.53 -2.95
C PRO C 113 -35.13 -26.65 -2.26
N SER C 114 -34.34 -27.46 -2.98
CA SER C 114 -33.48 -28.46 -2.31
C SER C 114 -32.38 -27.83 -1.48
N PHE C 115 -32.11 -28.45 -0.33
CA PHE C 115 -30.93 -28.16 0.47
C PHE C 115 -30.81 -26.67 0.84
N LYS C 116 -31.85 -26.17 1.49
CA LYS C 116 -31.79 -24.86 2.10
C LYS C 116 -30.82 -24.90 3.27
N GLY C 117 -30.11 -23.80 3.51
CA GLY C 117 -29.20 -23.69 4.65
C GLY C 117 -27.73 -23.61 4.23
N SER C 118 -26.86 -23.27 5.20
CA SER C 118 -25.46 -22.96 4.93
C SER C 118 -24.56 -24.18 4.61
N ASN C 119 -25.11 -25.38 4.70
CA ASN C 119 -24.35 -26.60 4.38
C ASN C 119 -24.91 -27.42 3.19
N ALA C 120 -25.28 -26.74 2.12
CA ALA C 120 -25.90 -27.38 0.96
C ALA C 120 -25.10 -28.57 0.38
N HIS C 121 -23.78 -28.39 0.21
CA HIS C 121 -22.95 -29.45 -0.38
C HIS C 121 -22.96 -30.71 0.46
N GLU C 122 -22.88 -30.51 1.78
CA GLU C 122 -22.90 -31.57 2.75
C GLU C 122 -24.21 -32.39 2.63
N GLN C 123 -25.33 -31.69 2.51
CA GLN C 123 -26.63 -32.34 2.34
C GLN C 123 -26.72 -33.08 1.00
N ALA C 124 -26.22 -32.44 -0.06
CA ALA C 124 -26.34 -33.02 -1.42
C ALA C 124 -25.61 -34.35 -1.48
N LEU C 125 -24.42 -34.37 -0.90
CA LEU C 125 -23.60 -35.57 -0.88
C LEU C 125 -24.21 -36.63 0.06
N GLU C 126 -24.77 -36.20 1.18
CA GLU C 126 -25.45 -37.13 2.09
C GLU C 126 -26.70 -37.73 1.42
N THR C 127 -27.44 -36.92 0.69
CA THR C 127 -28.65 -37.36 -0.01
C THR C 127 -28.37 -38.29 -1.23
N GLY C 128 -27.21 -38.13 -1.85
CA GLY C 128 -26.81 -38.97 -2.97
C GLY C 128 -27.40 -38.53 -4.31
N VAL C 129 -27.73 -37.24 -4.45
CA VAL C 129 -28.10 -36.69 -5.76
C VAL C 129 -26.92 -36.81 -6.73
N THR C 130 -27.24 -36.99 -8.02
CA THR C 130 -26.23 -36.94 -9.06
C THR C 130 -26.24 -35.60 -9.74
N VAL C 131 -27.28 -34.81 -9.45
CA VAL C 131 -27.39 -33.45 -9.98
C VAL C 131 -27.64 -32.44 -8.84
N THR C 132 -26.76 -31.46 -8.72
CA THR C 132 -27.03 -30.34 -7.83
C THR C 132 -26.91 -29.07 -8.67
N GLY C 133 -26.59 -27.95 -8.05
CA GLY C 133 -26.35 -26.71 -8.77
C GLY C 133 -26.37 -25.50 -7.87
N CYS C 134 -26.69 -24.35 -8.44
CA CYS C 134 -26.75 -23.12 -7.66
C CYS C 134 -27.94 -22.27 -8.06
N THR C 135 -28.34 -21.34 -7.19
CA THR C 135 -29.50 -20.51 -7.42
C THR C 135 -29.21 -19.09 -7.05
N VAL C 136 -29.59 -18.16 -7.92
CA VAL C 136 -29.68 -16.76 -7.52
C VAL C 136 -31.14 -16.42 -7.26
N HIS C 137 -31.38 -15.87 -6.07
CA HIS C 137 -32.73 -15.50 -5.69
C HIS C 137 -32.77 -14.14 -5.01
N PHE C 138 -33.92 -13.48 -5.11
CA PHE C 138 -34.21 -12.32 -4.27
C PHE C 138 -34.26 -12.78 -2.81
N VAL C 139 -33.76 -11.93 -1.92
CA VAL C 139 -33.80 -12.25 -0.50
C VAL C 139 -35.18 -11.95 0.08
N ALA C 140 -35.80 -12.97 0.69
CA ALA C 140 -37.02 -12.82 1.45
C ALA C 140 -36.74 -13.10 2.92
N GLU C 141 -37.72 -12.79 3.76
CA GLU C 141 -37.59 -13.00 5.18
C GLU C 141 -37.24 -14.45 5.52
N ASP C 142 -37.96 -15.38 4.90
CA ASP C 142 -37.68 -16.80 5.09
C ASP C 142 -36.40 -17.12 4.33
N VAL C 143 -35.45 -17.67 5.06
CA VAL C 143 -34.11 -17.96 4.56
C VAL C 143 -34.12 -18.91 3.35
N ASP C 144 -33.40 -18.55 2.30
CA ASP C 144 -33.28 -19.37 1.07
C ASP C 144 -34.62 -19.74 0.43
N ALA C 145 -35.63 -18.87 0.60
CA ALA C 145 -36.97 -19.13 0.06
C ALA C 145 -37.52 -17.99 -0.79
N GLY C 146 -36.70 -16.97 -1.06
CA GLY C 146 -37.10 -15.88 -1.94
C GLY C 146 -37.25 -16.31 -3.39
N GLN C 147 -37.80 -15.41 -4.21
CA GLN C 147 -38.09 -15.70 -5.60
C GLN C 147 -36.85 -15.95 -6.46
N ILE C 148 -36.91 -17.04 -7.22
CA ILE C 148 -35.76 -17.52 -7.98
C ILE C 148 -35.59 -16.72 -9.27
N ILE C 149 -34.37 -16.28 -9.55
CA ILE C 149 -34.06 -15.50 -10.75
C ILE C 149 -33.45 -16.42 -11.81
N LEU C 150 -32.37 -17.10 -11.44
CA LEU C 150 -31.66 -18.02 -12.31
C LEU C 150 -31.13 -19.20 -11.52
N GLN C 151 -30.98 -20.33 -12.19
CA GLN C 151 -30.34 -21.51 -11.60
C GLN C 151 -29.46 -22.17 -12.66
N GLU C 152 -28.45 -22.90 -12.20
CA GLU C 152 -27.64 -23.72 -13.10
C GLU C 152 -27.38 -25.08 -12.45
N ALA C 153 -27.71 -26.15 -13.17
CA ALA C 153 -27.49 -27.50 -12.67
C ALA C 153 -26.01 -27.88 -12.83
N VAL C 154 -25.48 -28.62 -11.87
CA VAL C 154 -24.07 -29.04 -11.85
C VAL C 154 -24.05 -30.54 -11.51
N PRO C 155 -23.31 -31.35 -12.26
CA PRO C 155 -23.30 -32.79 -11.97
C PRO C 155 -22.53 -33.04 -10.67
N VAL C 156 -22.96 -34.03 -9.89
CA VAL C 156 -22.16 -34.59 -8.82
C VAL C 156 -21.40 -35.79 -9.38
N LYS C 157 -20.10 -35.87 -9.09
CA LYS C 157 -19.29 -37.03 -9.47
C LYS C 157 -19.15 -37.99 -8.30
N ARG C 158 -19.25 -39.30 -8.56
CA ARG C 158 -19.02 -40.30 -7.52
C ARG C 158 -17.63 -40.08 -6.93
N GLY C 159 -17.56 -40.10 -5.60
CA GLY C 159 -16.30 -39.83 -4.89
C GLY C 159 -16.04 -38.34 -4.65
N ASP C 160 -16.96 -37.49 -5.10
CA ASP C 160 -16.89 -36.05 -4.80
C ASP C 160 -16.82 -35.83 -3.30
N THR C 161 -15.99 -34.87 -2.90
CA THR C 161 -15.98 -34.37 -1.53
C THR C 161 -16.65 -33.00 -1.55
N VAL C 162 -16.82 -32.40 -0.37
CA VAL C 162 -17.27 -31.01 -0.28
C VAL C 162 -16.33 -30.11 -1.09
N ALA C 163 -15.03 -30.29 -0.94
CA ALA C 163 -14.06 -29.43 -1.63
C ALA C 163 -14.24 -29.48 -3.16
N THR C 164 -14.34 -30.69 -3.73
CA THR C 164 -14.47 -30.84 -5.18
C THR C 164 -15.84 -30.46 -5.73
N LEU C 165 -16.91 -30.88 -5.07
CA LEU C 165 -18.26 -30.45 -5.47
C LEU C 165 -18.37 -28.92 -5.34
N SER C 166 -17.82 -28.40 -4.25
CA SER C 166 -17.84 -26.96 -3.98
C SER C 166 -17.21 -26.14 -5.13
N GLU C 167 -15.99 -26.52 -5.52
CA GLU C 167 -15.31 -25.86 -6.63
C GLU C 167 -16.14 -25.88 -7.92
N ARG C 168 -16.75 -27.02 -8.24
CA ARG C 168 -17.54 -27.16 -9.47
C ARG C 168 -18.79 -26.27 -9.48
N VAL C 169 -19.49 -26.22 -8.35
CA VAL C 169 -20.65 -25.35 -8.20
C VAL C 169 -20.23 -23.86 -8.24
N LYS C 170 -19.08 -23.55 -7.64
CA LYS C 170 -18.49 -22.19 -7.66
C LYS C 170 -18.37 -21.64 -9.09
N LEU C 171 -17.88 -22.48 -10.01
CA LEU C 171 -17.77 -22.07 -11.41
C LEU C 171 -19.13 -21.72 -12.05
N ALA C 172 -20.17 -22.47 -11.70
CA ALA C 172 -21.54 -22.15 -12.15
C ALA C 172 -22.04 -20.84 -11.54
N GLU C 173 -21.73 -20.60 -10.27
CA GLU C 173 -22.09 -19.34 -9.56
C GLU C 173 -21.47 -18.10 -10.23
N HIS C 174 -20.23 -18.21 -10.66
CA HIS C 174 -19.55 -17.12 -11.35
C HIS C 174 -20.23 -16.75 -12.67
N LYS C 175 -20.95 -17.70 -13.26
CA LYS C 175 -21.80 -17.42 -14.44
C LYS C 175 -23.14 -16.78 -14.07
N ILE C 176 -23.94 -17.44 -13.25
CA ILE C 176 -25.30 -16.96 -13.02
C ILE C 176 -25.42 -15.75 -12.09
N PHE C 177 -24.49 -15.57 -11.16
CA PHE C 177 -24.58 -14.41 -10.25
C PHE C 177 -24.47 -13.06 -11.01
N PRO C 178 -23.42 -12.85 -11.82
CA PRO C 178 -23.36 -11.64 -12.65
C PRO C 178 -24.47 -11.52 -13.69
N ALA C 179 -24.90 -12.65 -14.27
CA ALA C 179 -26.01 -12.56 -15.24
C ALA C 179 -27.28 -12.08 -14.56
N ALA C 180 -27.55 -12.60 -13.36
CA ALA C 180 -28.74 -12.21 -12.59
C ALA C 180 -28.65 -10.74 -12.17
N LEU C 181 -27.46 -10.33 -11.70
CA LEU C 181 -27.22 -8.92 -11.36
C LEU C 181 -27.53 -8.01 -12.52
N GLN C 182 -27.05 -8.36 -13.72
CA GLN C 182 -27.30 -7.54 -14.91
C GLN C 182 -28.80 -7.46 -15.27
N LEU C 183 -29.50 -8.59 -15.11
CA LEU C 183 -30.95 -8.67 -15.38
C LEU C 183 -31.78 -7.76 -14.47
N VAL C 184 -31.41 -7.70 -13.20
CA VAL C 184 -32.11 -6.84 -12.25
C VAL C 184 -31.65 -5.39 -12.42
N ALA C 185 -30.35 -5.19 -12.61
CA ALA C 185 -29.79 -3.84 -12.76
C ALA C 185 -30.37 -3.11 -13.97
N SER C 186 -30.53 -3.83 -15.07
CA SER C 186 -31.13 -3.28 -16.28
C SER C 186 -32.66 -3.15 -16.17
N GLY C 187 -33.23 -3.74 -15.12
CA GLY C 187 -34.68 -3.78 -14.94
C GLY C 187 -35.38 -4.75 -15.89
N THR C 188 -34.62 -5.68 -16.46
CA THR C 188 -35.17 -6.72 -17.32
C THR C 188 -35.98 -7.69 -16.45
N VAL C 189 -35.49 -7.92 -15.23
CA VAL C 189 -36.15 -8.81 -14.28
C VAL C 189 -36.49 -7.98 -13.07
N GLN C 190 -37.76 -8.06 -12.67
CA GLN C 190 -38.24 -7.34 -11.50
C GLN C 190 -39.03 -8.29 -10.61
N LEU C 191 -39.12 -7.94 -9.33
CA LEU C 191 -40.05 -8.56 -8.41
C LEU C 191 -41.35 -7.76 -8.53
N GLY C 192 -42.39 -8.40 -9.06
CA GLY C 192 -43.68 -7.73 -9.26
C GLY C 192 -44.40 -7.38 -7.97
N GLU C 193 -45.49 -6.62 -8.10
CA GLU C 193 -46.33 -6.22 -6.97
C GLU C 193 -46.94 -7.43 -6.25
N ASN C 194 -47.34 -8.43 -7.03
CA ASN C 194 -47.89 -9.70 -6.50
C ASN C 194 -46.84 -10.58 -5.81
N GLY C 195 -45.61 -10.09 -5.73
CA GLY C 195 -44.51 -10.81 -5.11
C GLY C 195 -43.87 -11.86 -6.00
N LYS C 196 -44.19 -11.83 -7.29
CA LYS C 196 -43.66 -12.80 -8.24
C LYS C 196 -42.66 -12.18 -9.20
N ILE C 197 -41.71 -13.00 -9.65
CA ILE C 197 -40.71 -12.61 -10.64
C ILE C 197 -41.38 -12.26 -11.96
N CYS C 198 -40.93 -11.17 -12.57
CA CYS C 198 -41.47 -10.69 -13.83
C CYS C 198 -40.34 -10.35 -14.80
N TRP C 199 -40.41 -10.92 -16.01
CA TRP C 199 -39.50 -10.59 -17.09
C TRP C 199 -40.12 -9.56 -18.06
N VAL C 200 -39.47 -8.40 -18.15
CA VAL C 200 -39.93 -7.30 -19.03
C VAL C 200 -39.33 -7.47 -20.42
N ALA D 1 24.22 16.13 37.90
CA ALA D 1 24.90 17.19 37.11
C ALA D 1 24.54 18.59 37.59
N ARG D 2 25.57 19.43 37.72
CA ARG D 2 25.39 20.84 38.03
C ARG D 2 25.26 21.63 36.73
N VAL D 3 24.17 22.35 36.59
CA VAL D 3 23.80 22.99 35.33
C VAL D 3 23.87 24.50 35.40
N ALA D 4 24.40 25.09 34.34
CA ALA D 4 24.33 26.53 34.11
C ALA D 4 23.35 26.78 32.96
N VAL D 5 22.49 27.78 33.13
CA VAL D 5 21.66 28.25 32.03
C VAL D 5 22.12 29.63 31.53
N LEU D 6 22.41 29.73 30.24
CA LEU D 6 22.78 31.01 29.64
C LEU D 6 21.59 31.59 28.91
N ILE D 7 21.34 32.87 29.14
CA ILE D 7 20.20 33.59 28.55
C ILE D 7 20.65 34.95 28.01
N SER D 8 19.81 35.55 27.17
CA SER D 8 20.03 36.91 26.69
C SER D 8 18.77 37.76 26.82
N GLY D 9 17.67 37.13 27.20
CA GLY D 9 16.40 37.82 27.26
C GLY D 9 15.44 37.27 28.30
N THR D 10 14.30 36.81 27.80
CA THR D 10 13.14 36.49 28.62
C THR D 10 13.28 35.28 29.56
N GLY D 11 14.15 34.33 29.22
CA GLY D 11 14.31 33.11 30.00
C GLY D 11 13.05 32.25 30.00
N SER D 12 12.36 32.27 28.86
CA SER D 12 11.11 31.52 28.62
C SER D 12 11.19 30.01 28.93
N ASN D 13 12.32 29.39 28.63
CA ASN D 13 12.51 27.98 28.94
C ASN D 13 13.13 27.72 30.30
N LEU D 14 13.49 28.80 31.00
CA LEU D 14 14.18 28.70 32.28
C LEU D 14 13.31 28.07 33.35
N GLN D 15 12.08 28.56 33.51
CA GLN D 15 11.19 28.01 34.52
C GLN D 15 10.95 26.51 34.31
N ALA D 16 10.74 26.12 33.05
CA ALA D 16 10.53 24.70 32.72
C ALA D 16 11.76 23.88 33.11
N LEU D 17 12.95 24.37 32.77
CA LEU D 17 14.19 23.75 33.26
C LEU D 17 14.24 23.64 34.79
N ILE D 18 13.97 24.75 35.49
CA ILE D 18 13.93 24.76 36.96
C ILE D 18 12.99 23.71 37.56
N ASP D 19 11.74 23.72 37.11
CA ASP D 19 10.70 22.82 37.63
C ASP D 19 11.13 21.36 37.50
N SER D 20 11.65 21.02 36.32
CA SER D 20 12.11 19.67 36.02
C SER D 20 13.20 19.20 36.98
N THR D 21 14.21 20.05 37.19
CA THR D 21 15.30 19.69 38.10
C THR D 21 14.85 19.57 39.56
N ARG D 22 13.69 20.13 39.89
CA ARG D 22 13.20 20.09 41.26
C ARG D 22 12.24 18.92 41.52
N GLU D 23 11.93 18.15 40.48
CA GLU D 23 11.15 16.92 40.63
C GLU D 23 12.03 15.87 41.29
N PRO D 24 11.42 14.96 42.06
CA PRO D 24 12.19 13.87 42.66
C PRO D 24 12.69 12.99 41.51
N ASN D 25 13.83 12.34 41.67
CA ASN D 25 14.43 11.53 40.58
C ASN D 25 15.17 12.34 39.52
N SER D 26 15.29 13.66 39.72
CA SER D 26 16.01 14.51 38.76
C SER D 26 17.49 14.20 38.81
N SER D 27 18.13 14.27 37.65
CA SER D 27 19.57 14.04 37.57
C SER D 27 20.36 15.33 37.52
N ALA D 28 19.64 16.46 37.63
CA ALA D 28 20.24 17.79 37.43
C ALA D 28 19.73 18.84 38.44
N GLN D 29 20.55 19.86 38.67
CA GLN D 29 20.16 21.03 39.47
C GLN D 29 20.65 22.27 38.72
N ILE D 30 19.88 23.35 38.70
CA ILE D 30 20.38 24.59 38.12
C ILE D 30 21.06 25.41 39.20
N ASP D 31 22.33 25.70 38.99
CA ASP D 31 23.15 26.33 40.02
C ASP D 31 23.50 27.77 39.73
N ILE D 32 23.35 28.16 38.47
CA ILE D 32 23.67 29.52 38.06
C ILE D 32 22.93 29.85 36.76
N VAL D 33 22.48 31.09 36.64
CA VAL D 33 21.98 31.63 35.39
C VAL D 33 22.86 32.82 34.99
N ILE D 34 23.39 32.77 33.78
CA ILE D 34 24.23 33.83 33.26
C ILE D 34 23.61 34.51 32.06
N SER D 35 23.54 35.84 32.10
CA SER D 35 23.05 36.63 30.99
C SER D 35 24.18 37.51 30.46
N ASN D 36 24.20 37.72 29.14
CA ASN D 36 25.10 38.70 28.53
C ASN D 36 24.47 40.10 28.49
N LYS D 37 23.23 40.19 28.98
CA LYS D 37 22.49 41.46 28.98
C LYS D 37 21.91 41.73 30.37
N ALA D 38 22.13 42.95 30.87
CA ALA D 38 21.64 43.33 32.18
C ALA D 38 20.13 43.55 32.16
N ALA D 39 19.51 43.33 33.33
CA ALA D 39 18.12 43.74 33.59
C ALA D 39 17.06 43.08 32.70
N VAL D 40 17.39 41.93 32.11
CA VAL D 40 16.43 41.15 31.34
C VAL D 40 15.55 40.28 32.25
N ALA D 41 14.36 39.95 31.77
CA ALA D 41 13.35 39.26 32.58
C ALA D 41 13.78 37.88 33.08
N GLY D 42 14.63 37.19 32.32
CA GLY D 42 15.12 35.88 32.72
C GLY D 42 15.91 35.92 34.02
N LEU D 43 16.55 37.06 34.29
CA LEU D 43 17.29 37.25 35.55
C LEU D 43 16.34 37.30 36.74
N ASP D 44 15.20 37.95 36.55
CA ASP D 44 14.17 38.06 37.59
C ASP D 44 13.58 36.68 37.89
N LYS D 45 13.49 35.85 36.85
CA LYS D 45 12.94 34.51 37.02
C LYS D 45 13.90 33.66 37.87
N ALA D 46 15.19 33.80 37.59
CA ALA D 46 16.23 33.07 38.29
C ALA D 46 16.30 33.55 39.74
N GLU D 47 16.24 34.87 39.92
CA GLU D 47 16.25 35.46 41.25
C GLU D 47 15.05 34.99 42.07
N ARG D 48 13.86 34.96 41.45
CA ARG D 48 12.63 34.47 42.08
C ARG D 48 12.77 33.01 42.54
N ALA D 49 13.50 32.23 41.75
CA ALA D 49 13.77 30.82 42.04
C ALA D 49 14.92 30.62 43.03
N GLY D 50 15.53 31.72 43.49
CA GLY D 50 16.64 31.65 44.43
C GLY D 50 17.85 30.96 43.83
N ILE D 51 18.10 31.24 42.55
CA ILE D 51 19.29 30.75 41.85
C ILE D 51 20.26 31.91 41.61
N PRO D 52 21.53 31.73 41.97
CA PRO D 52 22.55 32.76 41.71
C PRO D 52 22.59 33.17 40.24
N THR D 53 22.91 34.45 40.02
CA THR D 53 23.02 35.03 38.69
C THR D 53 24.31 35.83 38.54
N ARG D 54 24.84 35.82 37.33
CA ARG D 54 25.88 36.75 36.91
C ARG D 54 25.48 37.43 35.60
N VAL D 55 25.96 38.65 35.42
CA VAL D 55 25.85 39.34 34.15
C VAL D 55 27.25 39.54 33.59
N ILE D 56 27.51 39.00 32.41
CA ILE D 56 28.77 39.20 31.72
C ILE D 56 28.48 39.86 30.38
N ASN D 57 28.73 41.16 30.33
CA ASN D 57 28.43 42.00 29.17
C ASN D 57 29.37 41.76 28.00
N HIS D 58 28.86 41.16 26.92
CA HIS D 58 29.67 40.84 25.74
C HIS D 58 30.27 42.07 25.05
N LYS D 59 29.57 43.19 25.13
CA LYS D 59 30.01 44.45 24.52
C LYS D 59 31.33 44.96 25.08
N LEU D 60 31.65 44.54 26.31
CA LEU D 60 32.86 44.99 27.01
C LEU D 60 34.15 44.29 26.57
N TYR D 61 34.02 43.15 25.89
CA TYR D 61 35.17 42.32 25.52
C TYR D 61 35.59 42.55 24.06
N LYS D 62 36.91 42.56 23.85
CA LYS D 62 37.52 42.83 22.55
C LYS D 62 37.08 41.87 21.45
N ASN D 63 36.94 40.59 21.82
CA ASN D 63 36.44 39.57 20.91
C ASN D 63 35.66 38.48 21.65
N ARG D 64 35.15 37.51 20.90
CA ARG D 64 34.34 36.42 21.44
C ARG D 64 35.12 35.53 22.41
N VAL D 65 36.38 35.25 22.06
CA VAL D 65 37.25 34.39 22.87
C VAL D 65 37.42 34.91 24.31
N GLU D 66 37.65 36.22 24.44
CA GLU D 66 37.81 36.85 25.76
C GLU D 66 36.49 36.84 26.55
N PHE D 67 35.39 37.11 25.85
CA PHE D 67 34.05 37.03 26.41
C PHE D 67 33.72 35.60 26.89
N ASP D 68 33.90 34.62 26.01
CA ASP D 68 33.70 33.20 26.35
C ASP D 68 34.57 32.74 27.53
N SER D 69 35.79 33.25 27.59
CA SER D 69 36.72 32.93 28.68
C SER D 69 36.16 33.37 30.02
N ALA D 70 35.57 34.58 30.03
CA ALA D 70 34.92 35.12 31.21
C ALA D 70 33.69 34.31 31.62
N ILE D 71 33.00 33.74 30.64
CA ILE D 71 31.91 32.78 30.92
C ILE D 71 32.51 31.52 31.55
N ASP D 72 33.56 30.98 30.94
CA ASP D 72 34.20 29.76 31.43
C ASP D 72 34.75 29.92 32.86
N LEU D 73 35.30 31.10 33.18
CA LEU D 73 35.79 31.38 34.53
C LEU D 73 34.68 31.19 35.56
N VAL D 74 33.52 31.76 35.30
CA VAL D 74 32.37 31.64 36.20
C VAL D 74 31.89 30.19 36.26
N LEU D 75 31.81 29.56 35.09
CA LEU D 75 31.39 28.15 34.95
C LEU D 75 32.26 27.20 35.78
N GLU D 76 33.58 27.42 35.76
CA GLU D 76 34.52 26.70 36.63
C GLU D 76 34.38 27.10 38.11
N GLU D 77 34.15 28.39 38.37
CA GLU D 77 33.89 28.87 39.74
C GLU D 77 32.73 28.06 40.35
N PHE D 78 31.70 27.80 39.55
CA PHE D 78 30.52 27.07 40.00
C PHE D 78 30.56 25.56 39.77
N SER D 79 31.71 25.04 39.36
CA SER D 79 31.88 23.58 39.16
C SER D 79 30.79 22.96 38.26
N ILE D 80 30.45 23.69 37.19
CA ILE D 80 29.37 23.33 36.26
C ILE D 80 29.72 22.12 35.37
N ASP D 81 28.76 21.20 35.24
CA ASP D 81 28.90 19.99 34.42
C ASP D 81 28.23 20.15 33.07
N ILE D 82 27.09 20.83 33.04
CA ILE D 82 26.31 20.94 31.82
C ILE D 82 25.84 22.37 31.62
N VAL D 83 25.97 22.83 30.38
CA VAL D 83 25.43 24.14 29.99
C VAL D 83 24.20 23.98 29.09
N CYS D 84 23.15 24.75 29.44
CA CYS D 84 21.98 24.90 28.60
C CYS D 84 21.86 26.33 28.10
N LEU D 85 21.73 26.47 26.79
CA LEU D 85 21.46 27.76 26.18
C LEU D 85 19.95 27.88 26.00
N ALA D 86 19.37 28.86 26.70
CA ALA D 86 17.94 29.10 26.66
C ALA D 86 17.69 30.53 26.18
N GLY D 87 17.67 30.72 24.86
CA GLY D 87 17.51 32.04 24.29
C GLY D 87 18.75 32.92 24.46
N PHE D 88 19.91 32.27 24.65
CA PHE D 88 21.21 32.93 24.57
C PHE D 88 21.49 33.29 23.11
N MET D 89 21.90 34.53 22.88
CA MET D 89 21.98 35.07 21.51
C MET D 89 23.40 35.35 20.99
N ARG D 90 24.41 34.94 21.75
CA ARG D 90 25.80 35.09 21.31
C ARG D 90 26.33 33.79 20.72
N ILE D 91 26.82 33.85 19.49
CA ILE D 91 27.54 32.72 18.90
C ILE D 91 28.86 32.55 19.65
N LEU D 92 29.14 31.32 20.07
CA LEU D 92 30.29 31.02 20.90
C LEU D 92 31.50 30.58 20.08
N SER D 93 32.70 30.89 20.60
CA SER D 93 33.97 30.60 19.92
C SER D 93 34.28 29.12 19.85
N GLY D 94 35.03 28.74 18.80
CA GLY D 94 35.59 27.41 18.66
C GLY D 94 36.05 26.74 19.95
N PRO D 95 37.05 27.30 20.63
CA PRO D 95 37.61 26.65 21.82
C PRO D 95 36.63 26.49 22.99
N PHE D 96 35.76 27.46 23.23
CA PHE D 96 34.75 27.29 24.26
C PHE D 96 33.83 26.09 23.91
N VAL D 97 33.39 26.05 22.65
CA VAL D 97 32.52 24.99 22.15
C VAL D 97 33.17 23.61 22.26
N GLN D 98 34.45 23.53 21.88
CA GLN D 98 35.23 22.29 21.97
C GLN D 98 35.35 21.79 23.41
N LYS D 99 35.62 22.70 24.33
CA LYS D 99 35.80 22.30 25.73
C LYS D 99 34.50 21.74 26.32
N TRP D 100 33.36 22.34 25.94
CA TRP D 100 32.06 21.90 26.45
C TRP D 100 31.33 20.89 25.54
N ASN D 101 32.08 20.29 24.62
CA ASN D 101 31.59 19.27 23.70
C ASN D 101 30.97 18.06 24.42
N GLY D 102 29.70 17.79 24.10
CA GLY D 102 28.96 16.74 24.76
C GLY D 102 28.29 17.19 26.05
N LYS D 103 28.52 18.44 26.43
CA LYS D 103 28.07 18.95 27.72
C LYS D 103 27.25 20.23 27.60
N MET D 104 27.02 20.67 26.38
CA MET D 104 26.28 21.91 26.14
C MET D 104 25.14 21.72 25.12
N LEU D 105 23.95 22.15 25.52
CA LEU D 105 22.71 21.97 24.74
C LEU D 105 22.06 23.29 24.40
N ASN D 106 21.40 23.30 23.25
CA ASN D 106 20.66 24.47 22.81
C ASN D 106 19.24 24.12 22.42
N ILE D 107 18.30 25.06 22.65
CA ILE D 107 16.93 24.95 22.13
C ILE D 107 16.75 25.86 20.92
N HIS D 108 16.26 25.31 19.81
CA HIS D 108 16.08 26.08 18.58
C HIS D 108 14.64 25.90 18.08
N PRO D 109 13.96 27.00 17.74
CA PRO D 109 12.52 26.92 17.44
C PRO D 109 12.20 26.53 15.99
N SER D 110 12.86 25.49 15.48
CA SER D 110 12.43 24.82 14.24
C SER D 110 12.82 23.35 14.30
N LEU D 111 12.34 22.59 13.31
CA LEU D 111 12.80 21.23 13.08
C LEU D 111 14.04 21.27 12.19
N LEU D 112 15.20 21.36 12.83
CA LEU D 112 16.49 21.29 12.15
C LEU D 112 16.53 20.00 11.31
N PRO D 113 17.18 20.01 10.14
CA PRO D 113 18.00 21.13 9.63
C PRO D 113 17.25 22.31 8.97
N SER D 114 15.91 22.34 8.98
CA SER D 114 15.18 23.50 8.44
C SER D 114 15.37 24.75 9.29
N PHE D 115 15.41 25.91 8.61
CA PHE D 115 15.36 27.22 9.26
C PHE D 115 16.39 27.44 10.39
N LYS D 116 17.65 27.22 10.05
CA LYS D 116 18.76 27.60 10.93
C LYS D 116 18.76 29.11 11.08
N GLY D 117 19.18 29.58 12.25
CA GLY D 117 19.34 31.01 12.50
C GLY D 117 18.29 31.54 13.46
N SER D 118 18.48 32.78 13.92
CA SER D 118 17.67 33.35 15.01
C SER D 118 16.27 33.84 14.62
N ASN D 119 15.94 33.79 13.33
CA ASN D 119 14.60 34.16 12.87
C ASN D 119 13.79 32.96 12.32
N ALA D 120 13.87 31.80 12.98
CA ALA D 120 13.22 30.58 12.46
C ALA D 120 11.72 30.72 12.15
N HIS D 121 10.95 31.40 13.01
CA HIS D 121 9.49 31.53 12.80
C HIS D 121 9.15 32.33 11.56
N GLU D 122 9.89 33.44 11.38
CA GLU D 122 9.80 34.29 10.22
C GLU D 122 10.02 33.52 8.91
N GLN D 123 11.06 32.68 8.90
CA GLN D 123 11.34 31.82 7.75
C GLN D 123 10.23 30.79 7.51
N ALA D 124 9.75 30.17 8.60
CA ALA D 124 8.71 29.14 8.50
C ALA D 124 7.48 29.70 7.81
N LEU D 125 7.07 30.89 8.26
CA LEU D 125 5.86 31.53 7.73
C LEU D 125 6.05 31.99 6.29
N GLU D 126 7.24 32.49 5.98
CA GLU D 126 7.56 32.91 4.61
C GLU D 126 7.58 31.70 3.67
N THR D 127 8.10 30.57 4.15
CA THR D 127 8.17 29.32 3.38
C THR D 127 6.81 28.64 3.16
N GLY D 128 5.89 28.84 4.10
CA GLY D 128 4.53 28.33 4.00
C GLY D 128 4.37 26.88 4.41
N VAL D 129 5.26 26.41 5.30
CA VAL D 129 5.12 25.09 5.92
C VAL D 129 3.84 25.05 6.76
N THR D 130 3.23 23.86 6.84
CA THR D 130 2.09 23.65 7.72
C THR D 130 2.55 22.94 8.98
N VAL D 131 3.79 22.45 8.97
CA VAL D 131 4.39 21.80 10.13
C VAL D 131 5.77 22.41 10.43
N THR D 132 5.95 22.91 11.64
CA THR D 132 7.28 23.30 12.08
C THR D 132 7.54 22.58 13.40
N GLY D 133 8.37 23.14 14.27
CA GLY D 133 8.57 22.56 15.59
C GLY D 133 9.78 23.15 16.30
N CYS D 134 10.37 22.36 17.19
CA CYS D 134 11.57 22.77 17.90
C CYS D 134 12.53 21.58 18.04
N THR D 135 13.80 21.88 18.32
CA THR D 135 14.86 20.91 18.34
C THR D 135 15.75 21.22 19.53
N VAL D 136 16.06 20.22 20.33
CA VAL D 136 17.20 20.33 21.25
C VAL D 136 18.39 19.63 20.63
N HIS D 137 19.53 20.29 20.62
CA HIS D 137 20.73 19.74 20.00
C HIS D 137 21.96 20.07 20.83
N PHE D 138 22.98 19.22 20.71
CA PHE D 138 24.29 19.56 21.24
C PHE D 138 24.82 20.75 20.44
N VAL D 139 25.52 21.64 21.12
CA VAL D 139 26.12 22.80 20.46
C VAL D 139 27.43 22.37 19.78
N ALA D 140 27.47 22.56 18.46
CA ALA D 140 28.69 22.35 17.68
C ALA D 140 29.18 23.72 17.20
N GLU D 141 30.39 23.75 16.65
CA GLU D 141 30.94 25.00 16.15
C GLU D 141 30.07 25.65 15.09
N ASP D 142 29.59 24.83 14.15
CA ASP D 142 28.63 25.27 13.14
C ASP D 142 27.28 25.51 13.81
N VAL D 143 26.81 26.74 13.67
CA VAL D 143 25.59 27.22 14.28
C VAL D 143 24.37 26.36 13.89
N ASP D 144 23.58 25.97 14.90
CA ASP D 144 22.37 25.15 14.71
C ASP D 144 22.61 23.87 13.89
N ALA D 145 23.81 23.31 13.99
CA ALA D 145 24.19 22.13 13.21
C ALA D 145 24.70 20.97 14.09
N GLY D 146 24.68 21.15 15.41
CA GLY D 146 25.06 20.09 16.33
C GLY D 146 24.12 18.88 16.32
N GLN D 147 24.53 17.81 16.99
CA GLN D 147 23.77 16.57 16.96
C GLN D 147 22.42 16.68 17.68
N ILE D 148 21.39 16.18 17.02
CA ILE D 148 20.02 16.36 17.49
C ILE D 148 19.69 15.37 18.59
N ILE D 149 19.10 15.88 19.68
CA ILE D 149 18.75 15.01 20.82
C ILE D 149 17.27 14.64 20.76
N LEU D 150 16.42 15.67 20.77
CA LEU D 150 14.98 15.52 20.67
C LEU D 150 14.41 16.62 19.78
N GLN D 151 13.27 16.30 19.17
CA GLN D 151 12.51 17.27 18.37
C GLN D 151 11.03 17.03 18.65
N GLU D 152 10.23 18.08 18.48
CA GLU D 152 8.77 17.95 18.56
C GLU D 152 8.12 18.79 17.45
N ALA D 153 7.25 18.15 16.67
CA ALA D 153 6.55 18.82 15.56
C ALA D 153 5.42 19.66 16.12
N VAL D 154 5.18 20.82 15.49
CA VAL D 154 4.13 21.76 15.91
C VAL D 154 3.42 22.25 14.64
N PRO D 155 2.09 22.20 14.59
CA PRO D 155 1.37 22.66 13.39
C PRO D 155 1.50 24.18 13.25
N VAL D 156 1.51 24.66 12.02
CA VAL D 156 1.28 26.06 11.71
C VAL D 156 -0.20 26.21 11.35
N LYS D 157 -0.85 27.20 11.94
CA LYS D 157 -2.22 27.54 11.56
C LYS D 157 -2.21 28.65 10.51
N ARG D 158 -3.06 28.51 9.49
CA ARG D 158 -3.25 29.58 8.52
C ARG D 158 -3.59 30.89 9.23
N GLY D 159 -2.91 31.96 8.85
CA GLY D 159 -3.07 33.25 9.50
C GLY D 159 -2.25 33.41 10.78
N ASP D 160 -1.38 32.44 11.08
CA ASP D 160 -0.43 32.55 12.19
C ASP D 160 0.44 33.78 11.98
N THR D 161 0.77 34.46 13.07
CA THR D 161 1.79 35.51 13.07
C THR D 161 3.01 34.91 13.75
N VAL D 162 4.12 35.65 13.77
CA VAL D 162 5.25 35.27 14.59
C VAL D 162 4.80 35.10 16.05
N ALA D 163 4.02 36.06 16.57
CA ALA D 163 3.61 35.97 17.98
C ALA D 163 2.84 34.67 18.29
N THR D 164 1.85 34.33 17.46
CA THR D 164 1.05 33.12 17.72
C THR D 164 1.82 31.82 17.49
N LEU D 165 2.54 31.74 16.37
CA LEU D 165 3.34 30.55 16.08
C LEU D 165 4.40 30.36 17.16
N SER D 166 5.07 31.46 17.52
CA SER D 166 6.07 31.49 18.58
C SER D 166 5.56 30.90 19.90
N GLU D 167 4.40 31.35 20.33
CA GLU D 167 3.80 30.86 21.57
C GLU D 167 3.56 29.35 21.52
N ARG D 168 3.06 28.87 20.39
CA ARG D 168 2.78 27.43 20.22
C ARG D 168 4.04 26.57 20.30
N VAL D 169 5.09 27.02 19.63
CA VAL D 169 6.35 26.30 19.61
C VAL D 169 7.01 26.32 21.02
N LYS D 170 6.89 27.44 21.71
CA LYS D 170 7.39 27.60 23.07
C LYS D 170 6.81 26.52 24.00
N LEU D 171 5.52 26.22 23.86
CA LEU D 171 4.93 25.15 24.66
C LEU D 171 5.59 23.79 24.41
N ALA D 172 5.95 23.50 23.17
CA ALA D 172 6.70 22.27 22.85
C ALA D 172 8.13 22.31 23.42
N GLU D 173 8.76 23.48 23.41
CA GLU D 173 10.12 23.65 23.99
C GLU D 173 10.13 23.38 25.48
N HIS D 174 9.10 23.86 26.18
CA HIS D 174 8.94 23.58 27.61
C HIS D 174 8.89 22.08 27.90
N LYS D 175 8.43 21.27 26.93
CA LYS D 175 8.43 19.81 27.02
C LYS D 175 9.80 19.18 26.74
N ILE D 176 10.34 19.42 25.54
CA ILE D 176 11.53 18.69 25.11
C ILE D 176 12.85 19.20 25.72
N PHE D 177 12.91 20.47 26.13
CA PHE D 177 14.17 20.98 26.71
C PHE D 177 14.52 20.28 28.03
N PRO D 178 13.61 20.25 29.01
CA PRO D 178 13.88 19.50 30.25
C PRO D 178 14.02 17.99 30.06
N ALA D 179 13.28 17.41 29.11
CA ALA D 179 13.44 15.98 28.84
C ALA D 179 14.86 15.69 28.34
N ALA D 180 15.36 16.52 27.43
CA ALA D 180 16.70 16.36 26.86
C ALA D 180 17.79 16.58 27.91
N LEU D 181 17.59 17.59 28.76
CA LEU D 181 18.53 17.83 29.86
C LEU D 181 18.62 16.61 30.79
N GLN D 182 17.47 16.06 31.20
CA GLN D 182 17.44 14.87 32.06
C GLN D 182 18.14 13.67 31.39
N LEU D 183 17.92 13.51 30.08
CA LEU D 183 18.58 12.45 29.30
C LEU D 183 20.10 12.57 29.30
N VAL D 184 20.61 13.78 29.10
CA VAL D 184 22.06 13.98 29.06
C VAL D 184 22.63 13.93 30.47
N ALA D 185 21.95 14.57 31.42
CA ALA D 185 22.42 14.61 32.80
C ALA D 185 22.46 13.23 33.48
N SER D 186 21.50 12.38 33.16
CA SER D 186 21.49 11.01 33.67
C SER D 186 22.49 10.10 32.93
N GLY D 187 23.04 10.61 31.83
CA GLY D 187 23.93 9.81 31.00
C GLY D 187 23.18 8.79 30.16
N THR D 188 21.87 8.96 30.01
CA THR D 188 21.09 8.10 29.12
C THR D 188 21.46 8.41 27.67
N VAL D 189 21.74 9.68 27.40
CA VAL D 189 22.11 10.14 26.07
C VAL D 189 23.49 10.76 26.14
N GLN D 190 24.33 10.36 25.19
CA GLN D 190 25.69 10.88 25.13
C GLN D 190 26.06 11.26 23.72
N LEU D 191 26.99 12.20 23.60
CA LEU D 191 27.68 12.43 22.35
C LEU D 191 28.81 11.42 22.33
N GLY D 192 28.69 10.41 21.48
CA GLY D 192 29.72 9.39 21.34
C GLY D 192 31.04 9.94 20.81
N GLU D 193 32.09 9.14 20.90
CA GLU D 193 33.43 9.54 20.46
C GLU D 193 33.52 9.68 18.94
N ASN D 194 32.61 9.03 18.21
CA ASN D 194 32.53 9.15 16.75
C ASN D 194 31.77 10.41 16.30
N GLY D 195 31.40 11.25 17.26
CA GLY D 195 30.65 12.48 16.99
C GLY D 195 29.16 12.26 16.87
N LYS D 196 28.71 11.02 17.07
CA LYS D 196 27.29 10.68 16.90
C LYS D 196 26.59 10.52 18.24
N ILE D 197 25.29 10.78 18.22
CA ILE D 197 24.42 10.61 19.39
C ILE D 197 24.25 9.12 19.73
N CYS D 198 24.49 8.80 20.99
CA CYS D 198 24.36 7.44 21.50
C CYS D 198 23.35 7.35 22.66
N TRP D 199 22.43 6.41 22.56
CA TRP D 199 21.50 6.08 23.66
C TRP D 199 21.98 4.84 24.42
N VAL D 200 22.39 5.04 25.68
CA VAL D 200 22.88 3.95 26.52
C VAL D 200 21.70 3.26 27.22
O4 KEU E . 16.91 7.90 -9.66
C21 KEU E . 16.68 8.34 -10.87
O5 KEU E . 16.37 7.66 -11.84
C20 KEU E . 16.88 9.80 -10.92
C19 KEU E . 16.29 10.45 -12.17
C17 KEU E . 16.35 11.95 -12.17
N KEU E . 15.30 12.40 -11.16
C KEU E . 15.67 13.05 -10.00
O KEU E . 16.82 13.33 -9.74
C14 KEU E . 14.61 13.32 -9.07
C13 KEU E . 14.85 14.40 -8.05
C12 KEU E . 13.74 14.85 -7.23
C11 KEU E . 12.38 14.16 -7.46
C16 KEU E . 12.22 13.09 -8.46
C15 KEU E . 13.30 12.65 -9.25
C10 KEU E . 10.96 14.21 -6.65
C1 KEU E . 9.70 14.87 -7.26
C2 KEU E . 10.07 16.10 -8.32
C3 KEU E . 8.71 16.86 -8.56
C4 KEU E . 9.07 17.62 -9.78
C9 KEU E . 9.37 18.89 -9.47
O1 KEU E . 9.28 19.63 -8.29
N3 KEU E . 9.87 20.03 -10.48
C8 KEU E . 10.02 19.61 -11.77
N2 KEU E . 10.45 20.45 -12.72
N1 KEU E . 9.74 18.37 -12.12
C7 KEU E . 9.27 17.33 -11.21
N8 KEU E . 9.06 16.06 -11.65
C5 KEU E . 10.71 13.94 -5.09
OA2 KEU E . 10.03 14.66 -4.43
OA1 KEU E . 12.18 14.07 -4.49
C6 KEU E . 10.59 12.41 -5.01
F2 KEU E . 11.61 11.68 -5.60
F1 KEU E . 9.58 12.22 -5.84
F KEU E . 10.30 12.00 -3.77
C18 KEU E . 16.05 12.67 -13.54
O3 KEU E . 16.99 12.85 -14.28
O2 KEU E . 14.77 13.04 -13.88
C1 GAR F . 7.36 7.44 -2.02
O6 GAR F . 6.17 6.77 -1.60
C2 GAR F . 7.07 8.91 -2.17
O8 GAR F . 7.46 9.57 -0.98
C3 GAR F . 7.91 9.39 -3.35
O4 GAR F . 8.34 8.20 -4.03
C5 GAR F . 7.88 6.98 -3.39
C10 GAR F . 6.82 6.29 -4.26
O12 GAR F . 6.18 5.15 -3.68
N19 GAR F . 7.12 10.34 -4.16
C21 GAR F . 7.17 10.42 -5.60
O22 GAR F . 8.52 10.31 -6.06
C23 GAR F . 6.54 11.69 -6.17
N24 GAR F . 6.79 11.84 -7.60
P15 GAR F . 4.86 4.47 -4.33
O16 GAR F . 3.53 5.52 -4.29
O17 GAR F . 4.47 3.09 -3.41
O18 GAR F . 5.20 4.02 -5.92
O4 KEU G . -10.93 -21.26 -11.53
C21 KEU G . -11.02 -21.16 -12.82
O5 KEU G . -10.89 -20.13 -13.47
C20 KEU G . -11.32 -22.48 -13.39
C19 KEU G . -11.31 -22.50 -14.92
C17 KEU G . -11.45 -23.86 -15.51
N KEU G . -10.14 -24.56 -15.20
C KEU G . -10.10 -25.67 -14.38
O KEU G . -11.10 -26.19 -13.92
C14 KEU G . -8.81 -26.23 -14.12
C13 KEU G . -8.82 -27.64 -13.63
C12 KEU G . -7.57 -28.32 -13.41
C11 KEU G . -6.28 -27.53 -13.73
C16 KEU G . -6.34 -26.14 -14.21
C15 KEU G . -7.56 -25.48 -14.41
C10 KEU G . -4.74 -28.09 -13.68
C1 KEU G . -4.56 -29.27 -14.65
C2 KEU G . -4.28 -28.45 -16.10
C3 KEU G . -3.29 -29.18 -17.10
C4 KEU G . -4.18 -29.38 -18.28
C9 KEU G . -4.46 -30.71 -18.45
O1 KEU G . -4.13 -31.87 -17.76
N3 KEU G . -5.40 -31.36 -19.60
C8 KEU G . -5.97 -30.46 -20.46
N2 KEU G . -6.73 -30.84 -21.51
N1 KEU G . -5.72 -29.19 -20.31
C7 KEU G . -4.87 -28.58 -19.30
N8 KEU G . -4.77 -27.21 -19.29
C5 KEU G . -3.90 -28.26 -12.36
OA2 KEU G . -3.09 -29.14 -12.27
OA1 KEU G . -5.03 -28.74 -11.34
C6 KEU G . -3.68 -26.92 -11.65
F2 KEU G . -4.77 -26.09 -11.44
F1 KEU G . -2.96 -26.26 -12.53
F KEU G . -3.00 -27.11 -10.53
C18 KEU G . -11.73 -23.90 -17.06
O3 KEU G . -12.89 -23.74 -17.42
O2 KEU G . -10.72 -24.07 -17.97
C1 GAR H . 0.58 -23.91 -7.95
O6 GAR H . 1.71 -23.59 -7.13
C2 GAR H . 0.94 -24.89 -9.05
O8 GAR H . 1.07 -26.22 -8.57
C3 GAR H . -0.24 -24.76 -10.00
O4 GAR H . -0.76 -23.44 -9.75
C5 GAR H . 0.01 -22.74 -8.74
C10 GAR H . 1.09 -21.88 -9.42
O12 GAR H . 1.33 -20.57 -8.88
N19 GAR H . 0.22 -25.02 -11.37
C21 GAR H . -0.47 -24.54 -12.53
O22 GAR H . -1.85 -24.28 -12.23
C23 GAR H . -0.34 -25.48 -13.73
N24 GAR H . -1.12 -25.04 -14.87
P15 GAR H . 2.45 -19.60 -9.56
O16 GAR H . 3.63 -20.48 -10.40
O17 GAR H . 3.23 -18.72 -8.33
O18 GAR H . 1.67 -18.52 -10.61
O4 KEU I . -22.10 -20.29 11.50
C21 KEU I . -22.52 -19.15 11.00
O5 KEU I . -21.81 -18.22 10.62
C20 KEU I . -23.99 -19.13 10.96
C19 KEU I . -24.64 -17.80 11.37
C17 KEU I . -26.10 -17.78 11.17
N KEU I . -26.28 -17.89 9.66
C KEU I . -26.99 -18.91 9.05
O KEU I . -27.39 -19.87 9.66
C14 KEU I . -27.17 -18.83 7.62
C13 KEU I . -28.25 -19.70 7.03
C12 KEU I . -28.52 -19.64 5.61
C11 KEU I . -27.67 -18.66 4.77
C16 KEU I . -26.62 -17.83 5.40
C15 KEU I . -26.35 -17.91 6.78
C10 KEU I . -27.84 -18.29 3.20
C1 KEU I . -29.25 -17.75 2.94
C2 KEU I . -29.08 -16.13 3.38
C3 KEU I . -29.85 -15.12 2.48
C4 KEU I . -30.65 -14.40 3.53
C9 KEU I . -31.95 -14.79 3.43
O1 KEU I . -32.65 -15.56 2.51
N3 KEU I . -33.17 -14.32 4.38
C8 KEU I . -32.84 -13.42 5.35
N2 KEU I . -33.74 -12.99 6.24
N1 KEU I . -31.60 -13.01 5.46
C7 KEU I . -30.47 -13.44 4.63
N8 KEU I . -29.23 -12.95 4.95
C5 KEU I . -27.31 -19.25 2.04
OA2 KEU I . -27.90 -19.34 1.02
OA1 KEU I . -27.63 -20.68 2.67
C6 KEU I . -25.78 -19.40 2.06
F2 KEU I . -25.17 -19.77 3.25
F1 KEU I . -25.50 -18.10 1.98
F KEU I . -25.33 -20.11 1.01
C18 KEU I . -26.88 -16.48 11.70
O3 KEU I . -27.23 -16.46 12.88
O2 KEU I . -27.13 -15.44 10.86
O4 KEU J . 20.41 39.15 17.87
C21 KEU J . 21.67 39.44 18.11
O5 KEU J . 22.08 40.15 19.02
C20 KEU J . 22.55 38.78 17.11
C19 KEU J . 23.89 38.33 17.69
C17 KEU J . 24.64 37.32 16.90
N KEU J . 23.92 36.00 17.12
C KEU J . 23.31 35.27 16.12
O KEU J . 23.28 35.65 14.96
C14 KEU J . 22.68 34.01 16.48
C13 KEU J . 22.51 32.98 15.41
C12 KEU J . 21.95 31.70 15.71
C11 KEU J . 21.55 31.44 17.19
C16 KEU J . 21.73 32.48 18.20
C15 KEU J . 22.28 33.73 17.89
C10 KEU J . 20.98 30.05 17.84
C1 KEU J . 21.96 28.90 17.63
C2 KEU J . 23.16 29.22 18.79
C3 KEU J . 23.75 27.95 19.50
C4 KEU J . 25.22 28.19 19.26
C9 KEU J . 25.67 27.34 18.29
O1 KEU J . 25.11 26.28 17.56
N3 KEU J . 27.18 27.27 17.72
C8 KEU J . 28.06 28.11 18.31
N2 KEU J . 29.34 28.17 17.92
N1 KEU J . 27.66 28.92 19.26
C7 KEU J . 26.30 29.03 19.78
N8 KEU J . 26.02 30.03 20.68
C5 KEU J . 19.48 29.59 17.67
OA2 KEU J . 19.22 28.46 17.61
OA1 KEU J . 19.16 30.05 16.17
C6 KEU J . 18.50 30.56 18.37
F2 KEU J . 18.58 31.91 18.09
F1 KEU J . 19.02 30.46 19.58
F KEU J . 17.23 30.11 18.30
C18 KEU J . 26.18 37.16 17.27
O3 KEU J . 26.99 37.89 16.72
O2 KEU J . 26.58 36.22 18.19
#